data_7FSS
#
_entry.id   7FSS
#
_cell.length_a   80.131
_cell.length_b   49.382
_cell.length_c   116.283
_cell.angle_alpha   90.000
_cell.angle_beta   94.840
_cell.angle_gamma   90.000
#
_symmetry.space_group_name_H-M   'P 1 21 1'
#
loop_
_entity.id
_entity.type
_entity.pdbx_description
1 polymer Syntenin-1
2 non-polymer 1,2-ETHANEDIOL
3 non-polymer 2-(4-bromanylpyrazol-1-yl)-~{N}-cyclopropyl-~{N}-methyl-ethanamide
4 non-polymer 'D-GLUTAMIC ACID'
5 non-polymer GLYCINE
6 non-polymer 'SULFATE ION'
7 non-polymer ALANINE
8 water water
#
_entity_poly.entity_id   1
_entity_poly.type   'polypeptide(L)'
_entity_poly.pdbx_seq_one_letter_code
;SMAEIKQGIREVILCKDQDGKIGLRLKSIDNGIFVQLVQANSPASLVGLRFGDQVLQINGENCAGWSSDKAHKVLKQAFG
EKITMTIRDRPFERTITMHKDSTGHVGFIFKNGKITSIVKDSSAARNGLLTEHNICEINGQNVIGLKDSQIADILSTSGT
VVTITIMPAFIFEHIIKRMAPSIMKSLMDHTIPEV
;
_entity_poly.pdbx_strand_id   A,B,C,D
#
# COMPACT_ATOMS: atom_id res chain seq x y z
N ILE A 5 9.37 -16.20 -21.51
CA ILE A 5 8.63 -15.01 -21.03
C ILE A 5 7.87 -14.39 -22.22
N LYS A 6 6.55 -14.59 -22.22
CA LYS A 6 5.66 -14.11 -23.27
C LYS A 6 5.37 -12.62 -23.06
N GLN A 7 4.93 -11.94 -24.15
CA GLN A 7 4.33 -10.62 -24.06
C GLN A 7 2.82 -10.76 -23.90
N GLY A 8 2.44 -11.94 -23.40
CA GLY A 8 1.09 -12.44 -23.50
C GLY A 8 0.32 -12.23 -22.20
N ILE A 9 -0.91 -11.75 -22.41
CA ILE A 9 -2.02 -11.92 -21.49
C ILE A 9 -2.77 -13.15 -21.97
N ARG A 10 -2.87 -14.18 -21.12
CA ARG A 10 -3.51 -15.44 -21.49
C ARG A 10 -4.57 -15.77 -20.46
N GLU A 11 -5.46 -16.72 -20.76
CA GLU A 11 -6.55 -17.04 -19.85
C GLU A 11 -6.40 -18.48 -19.39
N VAL A 12 -6.63 -18.71 -18.08
CA VAL A 12 -6.65 -20.04 -17.52
C VAL A 12 -7.98 -20.27 -16.79
N ILE A 13 -8.46 -21.50 -16.84
CA ILE A 13 -9.65 -21.91 -16.14
C ILE A 13 -9.21 -22.89 -15.05
N LEU A 14 -9.65 -22.64 -13.83
CA LEU A 14 -9.10 -23.34 -12.69
C LEU A 14 -10.22 -24.05 -11.98
N CYS A 15 -9.90 -25.22 -11.43
CA CYS A 15 -10.91 -26.01 -10.75
C CYS A 15 -10.41 -26.46 -9.38
N LYS A 16 -11.07 -26.02 -8.30
CA LYS A 16 -10.67 -26.41 -6.96
C LYS A 16 -10.54 -27.92 -6.89
N ASP A 17 -9.58 -28.39 -6.10
CA ASP A 17 -9.42 -29.82 -5.86
C ASP A 17 -10.49 -30.22 -4.84
N GLN A 18 -10.44 -31.49 -4.41
CA GLN A 18 -11.45 -32.05 -3.53
C GLN A 18 -11.47 -31.31 -2.20
N ASP A 19 -10.31 -30.76 -1.81
CA ASP A 19 -10.14 -30.14 -0.51
C ASP A 19 -10.46 -28.65 -0.57
N GLY A 20 -10.81 -28.14 -1.75
CA GLY A 20 -11.17 -26.74 -1.92
C GLY A 20 -9.95 -25.86 -2.19
N LYS A 21 -8.84 -26.50 -2.55
CA LYS A 21 -7.56 -25.84 -2.75
C LYS A 21 -7.30 -25.65 -4.24
N ILE A 22 -6.58 -24.58 -4.61
CA ILE A 22 -6.07 -24.49 -5.97
C ILE A 22 -4.54 -24.49 -5.94
N GLY A 23 -3.97 -24.40 -4.74
CA GLY A 23 -2.55 -24.56 -4.54
C GLY A 23 -1.80 -23.28 -4.85
N LEU A 24 -2.35 -22.14 -4.45
CA LEU A 24 -1.80 -20.86 -4.86
C LEU A 24 -1.73 -19.92 -3.66
N ARG A 25 -0.63 -19.15 -3.60
CA ARG A 25 -0.49 -17.96 -2.78
C ARG A 25 -0.12 -16.78 -3.69
N LEU A 26 -0.77 -15.63 -3.47
CA LEU A 26 -0.59 -14.42 -4.27
C LEU A 26 -0.01 -13.33 -3.40
N LYS A 27 0.71 -12.36 -4.00
CA LYS A 27 1.29 -11.25 -3.24
C LYS A 27 1.11 -9.94 -4.00
N SER A 28 0.67 -8.90 -3.26
CA SER A 28 0.57 -7.56 -3.80
C SER A 28 1.96 -6.97 -4.02
N ILE A 29 2.20 -6.49 -5.25
CA ILE A 29 3.43 -5.82 -5.63
C ILE A 29 3.09 -4.62 -6.54
N ASP A 30 3.50 -3.42 -6.14
CA ASP A 30 3.30 -2.22 -6.94
C ASP A 30 1.87 -2.17 -7.52
N ASN A 31 0.86 -2.44 -6.69
CA ASN A 31 -0.55 -2.36 -7.02
C ASN A 31 -1.03 -3.43 -8.02
N GLY A 32 -0.18 -4.42 -8.30
CA GLY A 32 -0.65 -5.59 -9.02
C GLY A 32 -0.81 -6.77 -8.06
N ILE A 33 -1.17 -7.91 -8.62
CA ILE A 33 -1.15 -9.15 -7.85
C ILE A 33 -0.28 -10.15 -8.60
N PHE A 34 0.64 -10.74 -7.86
CA PHE A 34 1.65 -11.62 -8.41
C PHE A 34 1.66 -12.96 -7.67
N VAL A 35 2.04 -14.01 -8.39
CA VAL A 35 2.09 -15.36 -7.86
C VAL A 35 3.34 -15.52 -6.98
N GLN A 36 3.10 -15.85 -5.70
CA GLN A 36 4.16 -16.00 -4.72
C GLN A 36 4.57 -17.47 -4.55
N LEU A 37 3.60 -18.39 -4.59
CA LEU A 37 3.95 -19.81 -4.59
C LEU A 37 2.89 -20.62 -5.30
N VAL A 38 3.34 -21.55 -6.14
CA VAL A 38 2.46 -22.49 -6.80
C VAL A 38 2.84 -23.86 -6.25
N GLN A 39 1.83 -24.60 -5.78
CA GLN A 39 2.05 -25.84 -5.05
C GLN A 39 2.13 -27.01 -6.01
N ALA A 40 3.00 -27.99 -5.68
CA ALA A 40 3.13 -29.19 -6.48
C ALA A 40 1.79 -29.91 -6.46
N ASN A 41 1.39 -30.45 -7.62
CA ASN A 41 0.18 -31.24 -7.77
C ASN A 41 -1.07 -30.45 -7.40
N SER A 42 -1.15 -29.21 -7.89
CA SER A 42 -2.30 -28.37 -7.61
C SER A 42 -3.01 -28.07 -8.93
N PRO A 43 -4.27 -27.60 -8.86
CA PRO A 43 -4.90 -27.01 -10.05
C PRO A 43 -4.01 -25.93 -10.67
N ALA A 44 -3.35 -25.12 -9.83
CA ALA A 44 -2.53 -24.02 -10.30
C ALA A 44 -1.34 -24.52 -11.11
N SER A 45 -0.66 -25.56 -10.64
CA SER A 45 0.47 -26.13 -11.38
C SER A 45 -0.01 -26.88 -12.62
N LEU A 46 -1.18 -27.54 -12.54
CA LEU A 46 -1.68 -28.26 -13.70
C LEU A 46 -2.04 -27.27 -14.81
N VAL A 47 -2.73 -26.17 -14.46
CA VAL A 47 -3.14 -25.20 -15.46
C VAL A 47 -1.94 -24.33 -15.84
N GLY A 48 -0.81 -24.48 -15.13
CA GLY A 48 0.47 -23.98 -15.59
C GLY A 48 0.81 -22.57 -15.12
N LEU A 49 0.29 -22.17 -13.94
CA LEU A 49 0.66 -20.91 -13.33
C LEU A 49 2.10 -21.02 -12.80
N ARG A 50 2.82 -19.91 -12.87
CA ARG A 50 4.24 -19.89 -12.56
C ARG A 50 4.45 -18.79 -11.51
N PHE A 51 5.47 -19.00 -10.69
CA PHE A 51 5.98 -17.96 -9.82
C PHE A 51 6.39 -16.75 -10.66
N GLY A 52 6.03 -15.56 -10.18
CA GLY A 52 6.30 -14.35 -10.94
C GLY A 52 5.10 -13.91 -11.80
N ASP A 53 4.16 -14.82 -12.09
CA ASP A 53 3.03 -14.51 -12.95
C ASP A 53 2.17 -13.44 -12.27
N GLN A 54 1.65 -12.53 -13.10
CA GLN A 54 0.73 -11.50 -12.67
C GLN A 54 -0.71 -11.89 -12.99
N VAL A 55 -1.59 -11.85 -11.99
CA VAL A 55 -3.03 -12.09 -12.13
C VAL A 55 -3.74 -10.76 -12.37
N LEU A 56 -4.20 -10.52 -13.63
CA LEU A 56 -4.90 -9.29 -13.95
C LEU A 56 -6.38 -9.34 -13.56
N GLN A 57 -7.03 -10.47 -13.85
CA GLN A 57 -8.42 -10.66 -13.43
C GLN A 57 -8.57 -12.02 -12.79
N ILE A 58 -9.59 -12.10 -11.92
CA ILE A 58 -10.11 -13.36 -11.39
C ILE A 58 -11.60 -13.32 -11.63
N ASN A 59 -12.14 -14.33 -12.31
CA ASN A 59 -13.56 -14.37 -12.62
C ASN A 59 -13.99 -13.01 -13.15
N GLY A 60 -13.18 -12.42 -14.03
CA GLY A 60 -13.58 -11.23 -14.76
C GLY A 60 -13.42 -9.93 -13.95
N GLU A 61 -13.01 -10.05 -12.68
CA GLU A 61 -12.86 -8.87 -11.83
C GLU A 61 -11.39 -8.46 -11.76
N ASN A 62 -11.12 -7.15 -11.84
CA ASN A 62 -9.80 -6.57 -11.94
C ASN A 62 -9.06 -6.57 -10.60
N CYS A 63 -7.78 -6.96 -10.62
CA CYS A 63 -7.03 -7.15 -9.39
C CYS A 63 -6.31 -5.87 -8.94
N ALA A 64 -6.26 -4.83 -9.77
CA ALA A 64 -5.44 -3.67 -9.45
C ALA A 64 -5.69 -3.19 -8.03
N GLY A 65 -4.61 -2.91 -7.30
CA GLY A 65 -4.64 -2.38 -5.95
C GLY A 65 -5.32 -3.27 -4.90
N TRP A 66 -5.48 -4.58 -5.16
CA TRP A 66 -5.88 -5.48 -4.08
C TRP A 66 -4.69 -5.73 -3.15
N SER A 67 -4.98 -5.88 -1.86
CA SER A 67 -4.01 -6.40 -0.93
C SER A 67 -3.95 -7.92 -1.10
N SER A 68 -2.83 -8.53 -0.69
CA SER A 68 -2.73 -9.97 -0.66
C SER A 68 -3.93 -10.59 0.07
N ASP A 69 -4.25 -10.05 1.26
CA ASP A 69 -5.35 -10.57 2.06
C ASP A 69 -6.60 -10.73 1.20
N LYS A 70 -6.94 -9.66 0.46
CA LYS A 70 -8.19 -9.62 -0.29
C LYS A 70 -8.19 -10.69 -1.39
N ALA A 71 -7.08 -10.80 -2.11
CA ALA A 71 -7.00 -11.78 -3.18
C ALA A 71 -7.18 -13.20 -2.65
N HIS A 72 -6.67 -13.48 -1.44
CA HIS A 72 -6.92 -14.77 -0.77
C HIS A 72 -8.41 -14.93 -0.44
N LYS A 73 -9.05 -13.83 -0.04
CA LYS A 73 -10.47 -13.86 0.26
C LYS A 73 -11.25 -14.12 -1.03
N VAL A 74 -10.89 -13.41 -2.10
CA VAL A 74 -11.60 -13.59 -3.36
C VAL A 74 -11.55 -15.07 -3.73
N LEU A 75 -10.39 -15.71 -3.57
CA LEU A 75 -10.25 -17.08 -4.04
C LEU A 75 -11.06 -18.03 -3.16
N LYS A 76 -11.14 -17.69 -1.88
CA LYS A 76 -11.77 -18.58 -0.92
C LYS A 76 -13.27 -18.66 -1.20
N GLN A 77 -13.87 -17.53 -1.58
CA GLN A 77 -15.31 -17.43 -1.76
C GLN A 77 -15.77 -18.13 -3.04
N ALA A 78 -15.23 -17.70 -4.19
CA ALA A 78 -15.58 -18.19 -5.52
C ALA A 78 -16.10 -19.64 -5.53
N PHE A 79 -17.21 -19.88 -6.25
CA PHE A 79 -17.73 -21.23 -6.46
C PHE A 79 -16.72 -22.05 -7.27
N GLY A 80 -16.11 -23.04 -6.62
CA GLY A 80 -14.92 -23.70 -7.14
C GLY A 80 -15.11 -24.34 -8.51
N GLU A 81 -16.36 -24.43 -8.97
CA GLU A 81 -16.73 -25.05 -10.24
C GLU A 81 -15.82 -24.54 -11.37
N LYS A 82 -15.73 -23.22 -11.51
CA LYS A 82 -14.91 -22.62 -12.54
C LYS A 82 -14.40 -21.27 -12.03
N ILE A 83 -13.11 -21.22 -11.71
CA ILE A 83 -12.44 -19.94 -11.51
C ILE A 83 -11.62 -19.65 -12.76
N THR A 84 -11.84 -18.48 -13.35
CA THR A 84 -11.13 -18.08 -14.54
C THR A 84 -10.18 -16.95 -14.17
N MET A 85 -8.96 -16.99 -14.69
CA MET A 85 -7.99 -15.95 -14.41
C MET A 85 -7.41 -15.42 -15.70
N THR A 86 -6.97 -14.15 -15.64
CA THR A 86 -6.25 -13.51 -16.71
C THR A 86 -4.85 -13.15 -16.24
N ILE A 87 -3.86 -13.70 -16.95
CA ILE A 87 -2.48 -13.82 -16.49
C ILE A 87 -1.57 -13.12 -17.48
N ARG A 88 -0.67 -12.25 -16.99
CA ARG A 88 0.45 -11.74 -17.76
C ARG A 88 1.67 -12.56 -17.32
N ASP A 89 2.40 -13.10 -18.31
CA ASP A 89 3.48 -14.02 -18.06
C ASP A 89 4.68 -13.31 -17.45
N ARG A 90 5.10 -13.84 -16.30
CA ARG A 90 6.25 -13.45 -15.50
C ARG A 90 6.84 -12.09 -15.90
N PRO A 91 6.13 -10.99 -15.63
CA PRO A 91 6.55 -9.68 -16.12
C PRO A 91 7.88 -9.16 -15.56
N PHE A 92 8.20 -9.58 -14.33
CA PHE A 92 9.42 -9.11 -13.67
C PHE A 92 10.62 -9.98 -14.06
N GLU A 93 10.44 -11.03 -14.88
CA GLU A 93 11.58 -11.91 -15.16
C GLU A 93 11.93 -11.92 -16.64
N ARG A 94 13.19 -12.26 -16.91
CA ARG A 94 13.75 -12.44 -18.25
C ARG A 94 14.49 -13.76 -18.33
N THR A 95 14.63 -14.28 -19.55
CA THR A 95 15.37 -15.51 -19.77
C THR A 95 16.65 -15.18 -20.51
N ILE A 96 17.69 -15.94 -20.18
CA ILE A 96 18.99 -15.91 -20.84
C ILE A 96 19.32 -17.34 -21.24
N THR A 97 19.79 -17.52 -22.48
CA THR A 97 20.27 -18.81 -22.95
C THR A 97 21.80 -18.81 -22.94
N MET A 98 22.41 -19.86 -22.40
CA MET A 98 23.86 -19.94 -22.35
C MET A 98 24.33 -21.29 -22.90
N HIS A 99 25.65 -21.42 -23.12
CA HIS A 99 26.24 -22.66 -23.62
C HIS A 99 27.43 -23.04 -22.74
N LYS A 100 27.46 -24.29 -22.28
CA LYS A 100 28.54 -24.75 -21.41
C LYS A 100 29.79 -24.86 -22.28
N ASP A 101 30.95 -24.63 -21.68
CA ASP A 101 32.21 -24.73 -22.39
C ASP A 101 32.65 -26.20 -22.40
N SER A 102 33.94 -26.45 -22.63
CA SER A 102 34.46 -27.81 -22.64
C SER A 102 34.50 -28.35 -21.22
N THR A 103 34.85 -27.48 -20.27
CA THR A 103 34.83 -27.81 -18.85
C THR A 103 33.40 -28.03 -18.36
N GLY A 104 32.40 -27.67 -19.17
CA GLY A 104 31.01 -27.80 -18.75
C GLY A 104 30.54 -26.64 -17.88
N HIS A 105 31.22 -25.49 -17.99
CA HIS A 105 30.89 -24.28 -17.24
C HIS A 105 30.16 -23.28 -18.14
N VAL A 106 29.36 -22.39 -17.54
CA VAL A 106 28.75 -21.27 -18.25
C VAL A 106 29.26 -19.92 -17.71
N GLY A 107 29.94 -19.94 -16.57
CA GLY A 107 30.69 -18.80 -16.07
C GLY A 107 29.86 -17.86 -15.18
N PHE A 108 29.39 -18.34 -14.01
CA PHE A 108 29.05 -17.43 -12.92
C PHE A 108 29.14 -18.08 -11.55
N ILE A 109 29.08 -17.23 -10.54
CA ILE A 109 29.00 -17.56 -9.13
C ILE A 109 27.65 -17.05 -8.62
N PHE A 110 26.94 -17.93 -7.93
CA PHE A 110 25.67 -17.60 -7.30
C PHE A 110 25.72 -18.05 -5.86
N LYS A 111 24.90 -17.41 -5.00
CA LYS A 111 24.94 -17.63 -3.57
C LYS A 111 23.54 -17.35 -3.01
N ASN A 112 22.91 -18.41 -2.49
CA ASN A 112 21.49 -18.41 -2.12
C ASN A 112 20.65 -18.09 -3.34
N GLY A 113 20.98 -18.72 -4.47
CA GLY A 113 20.20 -18.49 -5.69
C GLY A 113 20.41 -17.11 -6.33
N LYS A 114 21.09 -16.18 -5.65
CA LYS A 114 21.42 -14.87 -6.20
C LYS A 114 22.78 -14.88 -6.91
N ILE A 115 22.80 -14.41 -8.17
CA ILE A 115 24.04 -14.38 -8.93
C ILE A 115 24.88 -13.22 -8.40
N THR A 116 26.17 -13.49 -8.14
CA THR A 116 27.04 -12.53 -7.46
C THR A 116 28.28 -12.21 -8.28
N SER A 117 28.61 -13.03 -9.29
CA SER A 117 29.75 -12.71 -10.11
C SER A 117 29.66 -13.39 -11.47
N ILE A 118 30.21 -12.69 -12.49
CA ILE A 118 30.30 -13.18 -13.87
C ILE A 118 31.77 -13.36 -14.21
N VAL A 119 32.08 -14.45 -14.90
CA VAL A 119 33.44 -14.92 -15.09
C VAL A 119 33.97 -14.48 -16.46
N LYS A 120 35.15 -13.87 -16.48
CA LYS A 120 35.63 -13.26 -17.71
C LYS A 120 35.65 -14.31 -18.81
N ASP A 121 35.21 -13.88 -20.01
CA ASP A 121 35.26 -14.69 -21.22
C ASP A 121 34.40 -15.95 -21.10
N SER A 122 33.29 -15.88 -20.34
CA SER A 122 32.33 -16.98 -20.34
C SER A 122 31.16 -16.67 -21.27
N SER A 123 30.36 -17.71 -21.53
CA SER A 123 29.08 -17.60 -22.20
C SER A 123 28.15 -16.65 -21.41
N ALA A 124 28.18 -16.77 -20.09
CA ALA A 124 27.48 -15.85 -19.21
C ALA A 124 27.89 -14.40 -19.48
N ALA A 125 29.17 -14.19 -19.80
CA ALA A 125 29.67 -12.85 -20.06
C ALA A 125 29.19 -12.37 -21.42
N ARG A 126 29.28 -13.24 -22.42
CA ARG A 126 28.89 -12.90 -23.77
C ARG A 126 27.40 -12.59 -23.86
N ASN A 127 26.62 -13.14 -22.92
CA ASN A 127 25.16 -13.06 -23.00
C ASN A 127 24.62 -11.95 -22.12
N GLY A 128 25.52 -11.34 -21.32
CA GLY A 128 25.15 -10.19 -20.51
C GLY A 128 24.32 -10.60 -19.30
N LEU A 129 24.71 -11.71 -18.67
CA LEU A 129 24.10 -12.14 -17.42
C LEU A 129 24.46 -11.11 -16.35
N LEU A 130 23.53 -10.86 -15.41
CA LEU A 130 23.67 -9.80 -14.44
C LEU A 130 23.69 -10.38 -13.04
N THR A 131 24.37 -9.66 -12.14
CA THR A 131 24.48 -10.01 -10.75
C THR A 131 23.35 -9.29 -10.01
N GLU A 132 23.29 -9.47 -8.69
CA GLU A 132 22.14 -8.97 -7.97
C GLU A 132 20.86 -9.47 -8.63
N HIS A 133 20.86 -10.74 -9.05
CA HIS A 133 19.72 -11.35 -9.72
C HIS A 133 19.48 -12.74 -9.12
N ASN A 134 18.23 -13.00 -8.73
CA ASN A 134 17.84 -14.31 -8.21
C ASN A 134 17.42 -15.23 -9.34
N ILE A 135 17.98 -16.45 -9.37
CA ILE A 135 17.61 -17.47 -10.34
C ILE A 135 16.23 -18.00 -9.97
N CYS A 136 15.28 -18.00 -10.91
CA CYS A 136 13.92 -18.43 -10.66
C CYS A 136 13.67 -19.82 -11.25
N GLU A 137 14.22 -20.04 -12.45
CA GLU A 137 14.00 -21.27 -13.17
C GLU A 137 15.31 -21.64 -13.87
N ILE A 138 15.45 -22.94 -14.22
CA ILE A 138 16.43 -23.43 -15.16
C ILE A 138 15.73 -24.38 -16.13
N ASN A 139 15.99 -24.21 -17.42
CA ASN A 139 15.32 -24.95 -18.47
C ASN A 139 13.84 -25.14 -18.14
N GLY A 140 13.20 -24.08 -17.65
CA GLY A 140 11.77 -24.07 -17.40
C GLY A 140 11.34 -24.83 -16.15
N GLN A 141 12.29 -25.20 -15.29
CA GLN A 141 11.99 -25.81 -14.02
C GLN A 141 12.28 -24.82 -12.89
N ASN A 142 11.29 -24.64 -12.02
CA ASN A 142 11.41 -23.72 -10.90
C ASN A 142 12.44 -24.32 -9.96
N VAL A 143 13.35 -23.49 -9.43
CA VAL A 143 14.42 -23.95 -8.55
C VAL A 143 14.46 -23.12 -7.28
N ILE A 144 13.36 -22.40 -6.98
CA ILE A 144 13.37 -21.51 -5.84
C ILE A 144 13.15 -22.28 -4.55
N GLY A 145 14.11 -22.17 -3.64
CA GLY A 145 14.03 -22.84 -2.35
C GLY A 145 14.95 -24.06 -2.30
N LEU A 146 15.31 -24.60 -3.48
CA LEU A 146 16.33 -25.63 -3.57
C LEU A 146 17.62 -25.06 -3.04
N LYS A 147 18.50 -25.93 -2.52
CA LYS A 147 19.79 -25.48 -2.03
C LYS A 147 20.70 -25.22 -3.24
N ASP A 148 21.83 -24.56 -3.02
CA ASP A 148 22.70 -24.19 -4.13
C ASP A 148 23.27 -25.43 -4.84
N SER A 149 23.50 -26.50 -4.07
CA SER A 149 24.09 -27.72 -4.60
C SER A 149 23.12 -28.41 -5.54
N GLN A 150 21.84 -28.34 -5.18
CA GLN A 150 20.75 -28.86 -5.99
C GLN A 150 20.64 -28.07 -7.29
N ILE A 151 20.82 -26.74 -7.18
CA ILE A 151 20.83 -25.86 -8.35
C ILE A 151 22.05 -26.22 -9.22
N ALA A 152 23.22 -26.33 -8.57
CA ALA A 152 24.43 -26.81 -9.20
C ALA A 152 24.21 -28.16 -9.91
N ASP A 153 23.52 -29.10 -9.24
CA ASP A 153 23.27 -30.42 -9.79
C ASP A 153 22.44 -30.32 -11.07
N ILE A 154 21.45 -29.40 -11.12
CA ILE A 154 20.58 -29.26 -12.28
C ILE A 154 21.37 -28.71 -13.47
N LEU A 155 22.33 -27.82 -13.19
CA LEU A 155 23.17 -27.24 -14.22
C LEU A 155 24.14 -28.28 -14.78
N SER A 156 24.65 -29.16 -13.92
CA SER A 156 25.42 -30.33 -14.35
C SER A 156 24.58 -31.28 -15.19
N THR A 157 23.42 -31.70 -14.65
CA THR A 157 22.60 -32.71 -15.33
C THR A 157 21.98 -32.13 -16.60
N SER A 158 22.37 -30.90 -16.98
CA SER A 158 21.73 -30.22 -18.10
C SER A 158 22.49 -30.47 -19.40
N GLY A 159 21.74 -30.36 -20.50
CA GLY A 159 22.33 -30.35 -21.83
C GLY A 159 23.45 -29.32 -21.92
N THR A 160 24.04 -29.19 -23.11
CA THR A 160 25.09 -28.20 -23.35
C THR A 160 24.43 -26.82 -23.39
N VAL A 161 23.17 -26.76 -23.84
CA VAL A 161 22.37 -25.54 -23.77
C VAL A 161 21.71 -25.45 -22.40
N VAL A 162 21.74 -24.23 -21.82
CA VAL A 162 21.24 -23.96 -20.50
C VAL A 162 20.40 -22.70 -20.58
N THR A 163 19.23 -22.74 -19.96
CA THR A 163 18.34 -21.59 -19.96
C THR A 163 18.01 -21.26 -18.51
N ILE A 164 18.19 -19.98 -18.16
CA ILE A 164 18.00 -19.52 -16.80
C ILE A 164 17.06 -18.32 -16.85
N THR A 165 16.03 -18.36 -15.99
CA THR A 165 15.12 -17.25 -15.82
C THR A 165 15.45 -16.57 -14.50
N ILE A 166 15.62 -15.24 -14.59
CA ILE A 166 16.21 -14.44 -13.53
C ILE A 166 15.28 -13.27 -13.20
N MET A 167 15.38 -12.81 -11.94
CA MET A 167 14.57 -11.73 -11.42
C MET A 167 15.43 -10.82 -10.56
N PRO A 168 15.44 -9.49 -10.84
CA PRO A 168 16.07 -8.51 -9.94
C PRO A 168 15.83 -8.76 -8.45
N ALA A 169 16.90 -8.97 -7.70
CA ALA A 169 16.80 -9.34 -6.28
C ALA A 169 15.86 -8.44 -5.49
N PHE A 170 15.90 -7.12 -5.68
N PHE A 170 15.87 -7.13 -5.75
CA PHE A 170 14.98 -6.28 -4.89
CA PHE A 170 15.03 -6.22 -4.99
C PHE A 170 13.56 -6.80 -5.11
C PHE A 170 13.55 -6.55 -5.22
N ILE A 171 13.24 -7.24 -6.34
CA ILE A 171 11.86 -7.56 -6.64
C ILE A 171 11.52 -8.92 -6.04
N PHE A 172 12.48 -9.84 -6.20
CA PHE A 172 12.36 -11.21 -5.71
C PHE A 172 12.17 -11.22 -4.19
N GLU A 173 12.94 -10.39 -3.50
CA GLU A 173 12.93 -10.35 -2.04
C GLU A 173 11.64 -9.73 -1.53
N HIS A 174 11.03 -8.84 -2.33
CA HIS A 174 9.74 -8.28 -1.96
C HIS A 174 8.62 -9.28 -2.28
N ILE A 175 8.84 -10.18 -3.26
CA ILE A 175 7.83 -11.17 -3.60
C ILE A 175 7.75 -12.26 -2.52
N ILE A 176 8.89 -12.83 -2.14
CA ILE A 176 8.90 -13.99 -1.26
C ILE A 176 8.60 -13.61 0.19
N LYS A 177 8.77 -12.34 0.55
CA LYS A 177 8.59 -11.86 1.92
C LYS A 177 7.35 -12.48 2.53
N ARG A 178 7.42 -12.84 3.83
CA ARG A 178 6.31 -13.41 4.59
C ARG A 178 6.09 -14.88 4.21
N MET A 179 7.02 -15.46 3.46
CA MET A 179 6.94 -16.87 3.12
C MET A 179 8.12 -17.57 3.76
N ALA A 180 7.81 -18.51 4.68
CA ALA A 180 8.79 -19.31 5.40
C ALA A 180 9.66 -20.10 4.42
N PRO A 181 11.01 -20.00 4.50
CA PRO A 181 11.91 -20.78 3.64
C PRO A 181 11.54 -22.25 3.42
N SER A 182 11.07 -22.92 4.49
CA SER A 182 10.72 -24.33 4.46
C SER A 182 9.52 -24.60 3.55
N ILE A 183 8.54 -23.69 3.60
CA ILE A 183 7.39 -23.77 2.72
C ILE A 183 7.90 -23.78 1.28
N MET A 184 8.79 -22.82 0.97
CA MET A 184 9.41 -22.68 -0.34
C MET A 184 10.16 -23.95 -0.74
N LYS A 185 10.96 -24.47 0.18
CA LYS A 185 11.75 -25.66 -0.07
C LYS A 185 10.81 -26.84 -0.41
N SER A 186 9.71 -26.96 0.33
CA SER A 186 8.92 -28.19 0.34
C SER A 186 7.78 -28.14 -0.67
N LEU A 187 7.10 -27.00 -0.77
CA LEU A 187 5.81 -26.97 -1.45
C LEU A 187 5.87 -26.34 -2.84
N MET A 188 6.67 -25.27 -3.02
CA MET A 188 6.87 -24.69 -4.34
C MET A 188 7.19 -25.81 -5.34
N ASP A 189 6.31 -25.91 -6.34
CA ASP A 189 6.42 -26.89 -7.42
C ASP A 189 7.79 -26.75 -8.07
N HIS A 190 8.63 -27.79 -7.97
CA HIS A 190 9.94 -27.76 -8.62
C HIS A 190 9.99 -28.75 -9.77
N THR A 191 8.84 -29.06 -10.37
CA THR A 191 8.77 -30.13 -11.34
C THR A 191 8.77 -29.58 -12.76
N ILE A 192 9.27 -30.39 -13.68
CA ILE A 192 9.12 -30.23 -15.12
C ILE A 192 7.63 -30.29 -15.43
N PRO A 193 7.07 -29.39 -16.29
CA PRO A 193 5.66 -29.47 -16.69
C PRO A 193 5.21 -30.79 -17.28
N GLU A 194 3.90 -31.04 -17.24
CA GLU A 194 3.30 -32.30 -17.63
C GLU A 194 2.54 -32.12 -18.94
N VAL A 195 2.46 -33.20 -19.73
CA VAL A 195 1.75 -33.16 -21.00
C VAL A 195 0.88 -34.42 -21.13
N ALA B 3 -22.23 -19.11 24.70
CA ALA B 3 -20.92 -19.38 25.35
C ALA B 3 -20.81 -20.81 25.89
N GLU B 4 -21.88 -21.62 25.73
CA GLU B 4 -21.97 -22.97 26.27
C GLU B 4 -20.89 -23.86 25.62
N ILE B 5 -20.20 -24.65 26.44
CA ILE B 5 -19.15 -25.58 26.00
C ILE B 5 -19.77 -26.67 25.12
N LYS B 6 -19.37 -26.70 23.83
CA LYS B 6 -19.85 -27.69 22.87
C LYS B 6 -19.29 -29.07 23.24
N GLN B 7 -20.13 -30.10 23.05
CA GLN B 7 -19.73 -31.48 23.30
C GLN B 7 -19.03 -32.00 22.03
N GLY B 8 -18.00 -32.84 22.23
CA GLY B 8 -17.24 -33.43 21.13
C GLY B 8 -16.46 -32.40 20.31
N ILE B 9 -16.28 -32.73 19.03
CA ILE B 9 -15.13 -32.34 18.24
C ILE B 9 -15.62 -31.61 17.00
N ARG B 10 -15.08 -30.41 16.72
CA ARG B 10 -15.36 -29.76 15.45
C ARG B 10 -14.07 -29.54 14.64
N GLU B 11 -14.25 -29.24 13.35
CA GLU B 11 -13.16 -29.05 12.42
C GLU B 11 -13.22 -27.62 11.88
N VAL B 12 -12.12 -26.88 12.00
CA VAL B 12 -12.08 -25.49 11.56
C VAL B 12 -11.05 -25.34 10.45
N ILE B 13 -11.24 -24.32 9.60
CA ILE B 13 -10.38 -24.09 8.45
C ILE B 13 -9.87 -22.66 8.49
N LEU B 14 -8.57 -22.49 8.25
CA LEU B 14 -7.86 -21.24 8.40
C LEU B 14 -7.05 -20.95 7.14
N CYS B 15 -7.01 -19.67 6.77
CA CYS B 15 -6.07 -19.13 5.83
C CYS B 15 -5.12 -18.21 6.58
N LYS B 16 -3.81 -18.39 6.41
CA LYS B 16 -2.85 -17.46 6.98
C LYS B 16 -3.04 -16.11 6.31
N ASP B 17 -2.83 -15.04 7.07
CA ASP B 17 -2.89 -13.71 6.52
C ASP B 17 -1.57 -13.44 5.80
N GLN B 18 -1.43 -12.24 5.25
CA GLN B 18 -0.36 -11.88 4.34
C GLN B 18 0.97 -11.63 5.06
N ASP B 19 0.98 -11.75 6.39
CA ASP B 19 2.22 -11.74 7.16
C ASP B 19 2.59 -13.16 7.59
N GLY B 20 1.81 -14.18 7.19
CA GLY B 20 2.14 -15.59 7.43
C GLY B 20 1.64 -16.10 8.79
N LYS B 21 0.69 -15.36 9.40
CA LYS B 21 0.23 -15.62 10.75
C LYS B 21 -1.21 -16.13 10.73
N ILE B 22 -1.55 -16.85 11.80
CA ILE B 22 -2.88 -17.35 12.07
C ILE B 22 -3.44 -16.58 13.26
N GLY B 23 -2.54 -16.05 14.09
CA GLY B 23 -2.90 -15.31 15.29
C GLY B 23 -3.17 -16.24 16.45
N LEU B 24 -2.37 -17.30 16.56
CA LEU B 24 -2.48 -18.27 17.64
C LEU B 24 -1.19 -18.38 18.40
N ARG B 25 -1.30 -18.67 19.70
CA ARG B 25 -0.22 -19.34 20.40
C ARG B 25 -0.78 -20.60 21.06
N LEU B 26 0.04 -21.65 21.04
CA LEU B 26 -0.35 -22.99 21.44
C LEU B 26 0.57 -23.46 22.57
N LYS B 27 0.00 -24.20 23.54
CA LYS B 27 0.76 -24.70 24.69
C LYS B 27 0.44 -26.18 24.92
N SER B 28 1.51 -26.93 25.24
CA SER B 28 1.47 -28.33 25.64
C SER B 28 0.97 -28.49 27.08
N ILE B 29 -0.09 -29.30 27.23
CA ILE B 29 -0.66 -29.63 28.55
C ILE B 29 -1.14 -31.08 28.60
N ASP B 30 -0.58 -31.82 29.57
CA ASP B 30 -1.02 -33.17 29.87
C ASP B 30 -1.03 -33.96 28.57
N ASN B 31 0.01 -33.75 27.73
CA ASN B 31 0.21 -34.45 26.47
C ASN B 31 -0.84 -34.12 25.40
N GLY B 32 -1.55 -32.99 25.58
CA GLY B 32 -2.37 -32.40 24.53
C GLY B 32 -1.83 -31.03 24.14
N ILE B 33 -2.52 -30.34 23.22
CA ILE B 33 -2.13 -29.03 22.74
C ILE B 33 -3.31 -28.07 22.93
N PHE B 34 -3.08 -26.97 23.65
CA PHE B 34 -4.15 -26.02 23.95
C PHE B 34 -3.79 -24.59 23.56
N VAL B 35 -4.84 -23.82 23.27
CA VAL B 35 -4.70 -22.47 22.76
C VAL B 35 -4.48 -21.59 23.98
N GLN B 36 -3.32 -20.91 24.02
CA GLN B 36 -3.01 -20.00 25.13
C GLN B 36 -3.22 -18.54 24.71
N LEU B 37 -3.37 -18.26 23.41
CA LEU B 37 -3.63 -16.91 22.94
C LEU B 37 -4.29 -16.96 21.57
N VAL B 38 -5.40 -16.23 21.44
CA VAL B 38 -5.95 -15.83 20.15
C VAL B 38 -5.81 -14.32 20.06
N GLN B 39 -5.49 -13.83 18.87
CA GLN B 39 -5.21 -12.41 18.67
C GLN B 39 -6.38 -11.78 17.92
N ALA B 40 -6.75 -10.55 18.27
CA ALA B 40 -7.95 -9.94 17.69
C ALA B 40 -7.73 -9.73 16.20
N ASN B 41 -8.79 -9.89 15.41
CA ASN B 41 -8.71 -9.63 13.97
C ASN B 41 -7.61 -10.51 13.40
N SER B 42 -7.63 -11.77 13.82
CA SER B 42 -6.72 -12.75 13.26
C SER B 42 -7.57 -13.80 12.57
N PRO B 43 -6.98 -14.59 11.65
CA PRO B 43 -7.68 -15.73 11.05
C PRO B 43 -8.36 -16.59 12.11
N ALA B 44 -7.69 -16.71 13.29
CA ALA B 44 -8.10 -17.65 14.32
C ALA B 44 -9.34 -17.15 15.07
N SER B 45 -9.36 -15.85 15.38
CA SER B 45 -10.54 -15.24 16.02
C SER B 45 -11.75 -15.36 15.08
N LEU B 46 -11.56 -15.02 13.80
CA LEU B 46 -12.64 -15.03 12.84
C LEU B 46 -13.27 -16.42 12.73
N VAL B 47 -12.45 -17.49 12.77
CA VAL B 47 -13.01 -18.83 12.65
C VAL B 47 -13.56 -19.30 13.99
N GLY B 48 -13.27 -18.56 15.07
CA GLY B 48 -13.95 -18.81 16.34
C GLY B 48 -13.13 -19.71 17.24
N LEU B 49 -11.80 -19.72 17.04
CA LEU B 49 -10.93 -20.39 18.01
C LEU B 49 -10.90 -19.54 19.28
N ARG B 50 -10.83 -20.23 20.43
CA ARG B 50 -10.91 -19.56 21.73
C ARG B 50 -9.82 -20.08 22.67
N PHE B 51 -9.55 -19.28 23.68
CA PHE B 51 -8.61 -19.65 24.72
C PHE B 51 -9.14 -20.89 25.41
N GLY B 52 -8.26 -21.87 25.59
CA GLY B 52 -8.63 -23.10 26.25
C GLY B 52 -8.97 -24.19 25.24
N ASP B 53 -9.34 -23.84 24.01
CA ASP B 53 -9.60 -24.86 23.01
C ASP B 53 -8.44 -25.86 23.00
N GLN B 54 -8.79 -27.12 22.74
CA GLN B 54 -7.84 -28.19 22.53
C GLN B 54 -7.71 -28.45 21.03
N VAL B 55 -6.47 -28.53 20.54
CA VAL B 55 -6.25 -28.89 19.15
C VAL B 55 -5.87 -30.36 19.13
N LEU B 56 -6.73 -31.18 18.51
CA LEU B 56 -6.54 -32.62 18.45
C LEU B 56 -5.62 -32.91 17.27
N GLN B 57 -5.90 -32.22 16.15
CA GLN B 57 -5.08 -32.34 14.96
C GLN B 57 -4.89 -31.00 14.25
N ILE B 58 -3.79 -30.95 13.47
CA ILE B 58 -3.50 -29.92 12.49
C ILE B 58 -3.18 -30.57 11.16
N ASN B 59 -3.96 -30.20 10.15
CA ASN B 59 -3.84 -30.77 8.82
C ASN B 59 -3.82 -32.29 8.93
N GLY B 60 -4.68 -32.87 9.78
CA GLY B 60 -4.87 -34.30 9.82
C GLY B 60 -3.79 -35.05 10.59
N GLU B 61 -2.80 -34.34 11.17
CA GLU B 61 -1.81 -34.95 12.04
C GLU B 61 -2.19 -34.72 13.49
N ASN B 62 -1.95 -35.71 14.36
CA ASN B 62 -2.39 -35.69 15.75
C ASN B 62 -1.41 -34.87 16.59
N CYS B 63 -1.93 -34.08 17.53
CA CYS B 63 -1.09 -33.20 18.33
C CYS B 63 -0.57 -33.89 19.59
N ALA B 64 -1.15 -35.07 19.91
CA ALA B 64 -0.77 -35.85 21.06
C ALA B 64 0.74 -35.92 21.22
N GLY B 65 1.23 -35.47 22.39
CA GLY B 65 2.64 -35.56 22.71
C GLY B 65 3.46 -34.37 22.21
N TRP B 66 2.95 -33.59 21.27
CA TRP B 66 3.77 -32.52 20.71
C TRP B 66 4.16 -31.56 21.81
N SER B 67 5.41 -31.06 21.79
CA SER B 67 5.73 -29.90 22.60
C SER B 67 5.11 -28.68 21.92
N SER B 68 5.09 -27.57 22.66
CA SER B 68 4.71 -26.26 22.19
C SER B 68 5.48 -25.85 20.95
N ASP B 69 6.82 -26.03 21.02
CA ASP B 69 7.73 -25.54 19.99
C ASP B 69 7.47 -26.32 18.73
N LYS B 70 7.22 -27.62 18.90
CA LYS B 70 6.86 -28.44 17.76
C LYS B 70 5.56 -27.96 17.11
N ALA B 71 4.65 -27.35 17.88
CA ALA B 71 3.35 -26.99 17.31
C ALA B 71 3.45 -25.67 16.53
N HIS B 72 4.13 -24.68 17.13
CA HIS B 72 4.48 -23.43 16.47
C HIS B 72 5.33 -23.67 15.22
N LYS B 73 6.23 -24.64 15.30
CA LYS B 73 7.02 -24.98 14.14
C LYS B 73 6.11 -25.54 13.05
N VAL B 74 5.13 -26.36 13.41
CA VAL B 74 4.25 -26.92 12.38
C VAL B 74 3.40 -25.82 11.75
N LEU B 75 2.95 -24.88 12.58
CA LEU B 75 2.11 -23.78 12.15
C LEU B 75 2.90 -22.82 11.26
N LYS B 76 4.19 -22.64 11.58
CA LYS B 76 5.06 -21.78 10.82
C LYS B 76 5.33 -22.40 9.45
N GLN B 77 5.37 -23.73 9.40
CA GLN B 77 5.71 -24.46 8.18
C GLN B 77 4.49 -24.80 7.35
N ALA B 78 3.27 -24.52 7.85
CA ALA B 78 2.07 -24.81 7.07
C ALA B 78 1.92 -23.90 5.86
N PHE B 79 1.65 -24.47 4.69
CA PHE B 79 1.17 -23.67 3.58
C PHE B 79 -0.10 -22.91 3.99
N GLY B 80 -0.18 -21.64 3.59
CA GLY B 80 -1.14 -20.72 4.19
C GLY B 80 -2.55 -20.83 3.61
N GLU B 81 -2.75 -21.54 2.51
CA GLU B 81 -4.04 -21.51 1.80
C GLU B 81 -5.18 -22.16 2.58
N LYS B 82 -4.95 -23.37 3.10
CA LYS B 82 -5.91 -24.08 3.93
C LYS B 82 -5.18 -24.87 5.01
N ILE B 83 -5.56 -24.60 6.27
CA ILE B 83 -5.03 -25.31 7.40
C ILE B 83 -6.25 -25.84 8.16
N THR B 84 -6.36 -27.16 8.26
CA THR B 84 -7.50 -27.79 8.91
C THR B 84 -7.06 -28.12 10.32
N MET B 85 -7.92 -27.75 11.28
CA MET B 85 -7.69 -28.03 12.67
C MET B 85 -8.92 -28.74 13.22
N THR B 86 -8.69 -29.77 14.01
CA THR B 86 -9.75 -30.43 14.73
C THR B 86 -9.70 -29.95 16.18
N ILE B 87 -10.81 -29.34 16.61
CA ILE B 87 -10.92 -28.67 17.90
C ILE B 87 -11.90 -29.41 18.81
N ARG B 88 -11.52 -29.53 20.10
CA ARG B 88 -12.47 -29.80 21.17
C ARG B 88 -12.68 -28.49 21.92
N ASP B 89 -13.94 -28.16 22.25
CA ASP B 89 -14.31 -26.84 22.72
C ASP B 89 -13.87 -26.70 24.17
N ARG B 90 -13.02 -25.70 24.44
CA ARG B 90 -12.58 -25.34 25.79
C ARG B 90 -12.82 -26.42 26.84
N PRO B 91 -12.22 -27.62 26.72
CA PRO B 91 -12.49 -28.71 27.66
C PRO B 91 -12.10 -28.55 29.13
N PHE B 92 -11.26 -27.57 29.48
CA PHE B 92 -10.89 -27.42 30.88
C PHE B 92 -11.87 -26.44 31.54
N GLU B 93 -12.84 -25.95 30.78
CA GLU B 93 -13.72 -24.91 31.25
C GLU B 93 -15.12 -25.46 31.48
N ARG B 94 -15.95 -24.57 32.04
CA ARG B 94 -17.39 -24.77 32.26
C ARG B 94 -18.02 -23.39 32.24
N THR B 95 -19.31 -23.30 31.89
CA THR B 95 -19.99 -22.02 32.03
C THR B 95 -21.05 -22.11 33.11
N ILE B 96 -21.47 -20.91 33.57
CA ILE B 96 -22.43 -20.72 34.64
C ILE B 96 -23.25 -19.48 34.28
N THR B 97 -24.59 -19.61 34.32
CA THR B 97 -25.47 -18.47 34.13
C THR B 97 -26.10 -18.09 35.46
N MET B 98 -26.29 -16.79 35.65
CA MET B 98 -26.62 -16.18 36.92
C MET B 98 -27.35 -14.89 36.59
N HIS B 99 -28.19 -14.37 37.51
CA HIS B 99 -29.03 -13.20 37.22
C HIS B 99 -28.74 -12.08 38.21
N LYS B 100 -28.38 -10.89 37.70
CA LYS B 100 -28.10 -9.74 38.56
C LYS B 100 -29.32 -9.46 39.43
N ASP B 101 -29.12 -9.20 40.73
CA ASP B 101 -30.22 -8.89 41.64
C ASP B 101 -30.38 -7.38 41.64
N SER B 102 -31.33 -6.83 42.41
CA SER B 102 -31.66 -5.41 42.36
C SER B 102 -30.43 -4.52 42.52
N THR B 103 -29.50 -4.93 43.38
CA THR B 103 -28.21 -4.28 43.56
C THR B 103 -27.36 -4.39 42.29
N GLY B 104 -27.61 -5.44 41.51
CA GLY B 104 -26.99 -5.58 40.21
C GLY B 104 -25.78 -6.50 40.27
N HIS B 105 -25.89 -7.50 41.17
CA HIS B 105 -24.78 -8.35 41.56
C HIS B 105 -25.22 -9.80 41.47
N VAL B 106 -24.29 -10.70 41.11
CA VAL B 106 -24.55 -12.13 41.04
C VAL B 106 -23.96 -12.81 42.27
N GLY B 107 -22.94 -12.18 42.86
CA GLY B 107 -22.59 -12.45 44.26
C GLY B 107 -21.29 -13.22 44.41
N PHE B 108 -20.20 -12.64 43.96
CA PHE B 108 -18.93 -13.23 44.34
C PHE B 108 -17.92 -12.10 44.48
N ILE B 109 -16.79 -12.47 45.09
CA ILE B 109 -15.60 -11.63 45.15
C ILE B 109 -14.53 -12.31 44.29
N PHE B 110 -13.79 -11.50 43.53
CA PHE B 110 -12.66 -12.00 42.78
C PHE B 110 -11.49 -11.04 42.95
N LYS B 111 -10.32 -11.46 42.47
CA LYS B 111 -9.06 -10.75 42.55
C LYS B 111 -8.10 -11.34 41.52
N ASN B 112 -7.36 -10.50 40.79
CA ASN B 112 -6.58 -10.94 39.63
C ASN B 112 -7.34 -11.99 38.83
N GLY B 113 -8.64 -11.73 38.63
CA GLY B 113 -9.46 -12.59 37.80
C GLY B 113 -9.85 -13.93 38.44
N LYS B 114 -9.50 -14.16 39.71
CA LYS B 114 -9.77 -15.42 40.36
C LYS B 114 -10.88 -15.23 41.38
N ILE B 115 -11.86 -16.15 41.36
CA ILE B 115 -12.99 -16.11 42.28
C ILE B 115 -12.52 -16.55 43.66
N THR B 116 -12.74 -15.70 44.67
CA THR B 116 -12.18 -15.96 46.00
C THR B 116 -13.27 -16.21 47.04
N SER B 117 -14.43 -15.60 46.85
CA SER B 117 -15.52 -15.79 47.79
C SER B 117 -16.85 -15.81 47.02
N ILE B 118 -17.83 -16.53 47.57
CA ILE B 118 -19.17 -16.62 47.03
C ILE B 118 -20.10 -15.92 48.01
N VAL B 119 -20.83 -14.89 47.57
CA VAL B 119 -21.74 -14.15 48.43
C VAL B 119 -22.95 -15.02 48.77
N LYS B 120 -23.50 -14.82 49.98
CA LYS B 120 -24.48 -15.73 50.56
C LYS B 120 -25.87 -15.45 49.95
N ASP B 121 -26.66 -16.53 49.86
CA ASP B 121 -27.93 -16.52 49.12
C ASP B 121 -27.86 -15.64 47.88
N SER B 122 -26.83 -15.84 47.04
CA SER B 122 -26.65 -15.07 45.83
C SER B 122 -27.07 -15.91 44.62
N SER B 123 -27.18 -15.25 43.47
CA SER B 123 -27.30 -15.99 42.22
C SER B 123 -26.16 -17.00 42.17
N ALA B 124 -24.94 -16.45 42.37
CA ALA B 124 -23.70 -17.19 42.31
C ALA B 124 -23.76 -18.41 43.22
N ALA B 125 -24.32 -18.25 44.42
CA ALA B 125 -24.41 -19.36 45.34
C ALA B 125 -25.46 -20.35 44.87
N ARG B 126 -26.52 -19.86 44.21
CA ARG B 126 -27.55 -20.78 43.74
C ARG B 126 -26.96 -21.76 42.72
N ASN B 127 -26.19 -21.23 41.76
CA ASN B 127 -25.74 -22.01 40.63
C ASN B 127 -24.40 -22.70 40.87
N GLY B 128 -23.93 -22.72 42.13
CA GLY B 128 -22.80 -23.54 42.54
C GLY B 128 -21.44 -23.01 42.03
N LEU B 129 -21.35 -21.70 41.77
CA LEU B 129 -20.12 -21.06 41.34
C LEU B 129 -19.06 -21.36 42.39
N LEU B 130 -17.82 -21.53 41.93
CA LEU B 130 -16.74 -22.14 42.70
C LEU B 130 -15.62 -21.13 42.90
N THR B 131 -14.85 -21.28 43.99
CA THR B 131 -13.70 -20.41 44.20
C THR B 131 -12.48 -21.08 43.61
N GLU B 132 -11.36 -20.37 43.59
CA GLU B 132 -10.12 -20.90 43.05
C GLU B 132 -10.32 -21.30 41.60
N HIS B 133 -11.07 -20.46 40.90
CA HIS B 133 -11.39 -20.63 39.50
C HIS B 133 -11.19 -19.26 38.86
N ASN B 134 -10.46 -19.24 37.76
CA ASN B 134 -10.19 -18.01 37.04
C ASN B 134 -11.37 -17.74 36.12
N ILE B 135 -11.78 -16.47 36.07
CA ILE B 135 -12.75 -16.05 35.09
C ILE B 135 -12.07 -16.01 33.73
N CYS B 136 -12.66 -16.69 32.72
CA CYS B 136 -12.11 -16.74 31.38
C CYS B 136 -12.93 -15.90 30.40
N GLU B 137 -14.25 -16.07 30.47
CA GLU B 137 -15.17 -15.35 29.60
C GLU B 137 -16.38 -14.90 30.43
N ILE B 138 -16.92 -13.73 30.08
CA ILE B 138 -18.19 -13.24 30.57
C ILE B 138 -19.10 -13.06 29.36
N ASN B 139 -20.20 -13.84 29.33
CA ASN B 139 -21.07 -13.91 28.16
C ASN B 139 -20.29 -14.24 26.89
N GLY B 140 -19.37 -15.22 26.98
CA GLY B 140 -18.59 -15.62 25.83
C GLY B 140 -17.58 -14.57 25.36
N GLN B 141 -17.51 -13.43 26.06
CA GLN B 141 -16.46 -12.47 25.80
C GLN B 141 -15.24 -12.75 26.69
N ASN B 142 -14.06 -12.88 26.06
CA ASN B 142 -12.81 -13.24 26.71
C ASN B 142 -12.29 -12.04 27.49
N VAL B 143 -11.95 -12.23 28.77
CA VAL B 143 -11.46 -11.14 29.59
C VAL B 143 -10.08 -11.49 30.19
N ILE B 144 -9.35 -12.42 29.60
CA ILE B 144 -8.07 -12.77 30.18
C ILE B 144 -7.07 -11.65 29.92
N GLY B 145 -6.42 -11.16 30.99
CA GLY B 145 -5.45 -10.07 30.87
C GLY B 145 -6.06 -8.68 31.07
N LEU B 146 -7.40 -8.57 31.20
CA LEU B 146 -8.05 -7.36 31.66
C LEU B 146 -7.87 -7.16 33.17
N LYS B 147 -7.98 -5.92 33.65
CA LYS B 147 -7.81 -5.63 35.06
C LYS B 147 -9.13 -5.88 35.79
N ASP B 148 -9.06 -6.08 37.11
CA ASP B 148 -10.25 -6.42 37.86
C ASP B 148 -11.32 -5.34 37.72
N SER B 149 -10.90 -4.10 37.47
CA SER B 149 -11.85 -3.03 37.20
C SER B 149 -12.52 -3.25 35.84
N GLN B 150 -11.72 -3.49 34.80
CA GLN B 150 -12.21 -3.83 33.47
C GLN B 150 -13.28 -4.93 33.56
N ILE B 151 -12.98 -6.01 34.28
CA ILE B 151 -13.89 -7.15 34.37
C ILE B 151 -15.13 -6.76 35.18
N ALA B 152 -14.98 -5.82 36.12
CA ALA B 152 -16.13 -5.35 36.88
C ALA B 152 -17.00 -4.49 35.97
N ASP B 153 -16.39 -3.54 35.26
CA ASP B 153 -17.09 -2.69 34.30
C ASP B 153 -17.92 -3.55 33.35
N ILE B 154 -17.31 -4.60 32.79
CA ILE B 154 -17.97 -5.46 31.82
C ILE B 154 -19.15 -6.19 32.47
N LEU B 155 -18.98 -6.70 33.70
CA LEU B 155 -20.07 -7.33 34.44
C LEU B 155 -21.23 -6.37 34.64
N SER B 156 -20.91 -5.08 34.81
CA SER B 156 -21.94 -4.08 35.01
C SER B 156 -22.64 -3.86 33.67
N THR B 157 -21.95 -3.21 32.73
CA THR B 157 -22.50 -2.79 31.45
C THR B 157 -23.31 -3.90 30.81
N SER B 158 -22.95 -5.15 31.14
CA SER B 158 -23.67 -6.39 30.86
C SER B 158 -25.19 -6.26 30.99
N GLY B 159 -25.87 -7.36 30.66
CA GLY B 159 -27.30 -7.51 30.91
C GLY B 159 -27.55 -8.02 32.33
N THR B 160 -28.80 -8.46 32.56
CA THR B 160 -29.22 -9.07 33.81
C THR B 160 -28.81 -10.52 33.83
N VAL B 161 -28.95 -11.17 32.67
CA VAL B 161 -28.58 -12.56 32.55
C VAL B 161 -27.09 -12.57 32.17
N VAL B 162 -26.30 -13.27 32.99
CA VAL B 162 -24.84 -13.20 32.95
C VAL B 162 -24.30 -14.63 32.94
N THR B 163 -23.56 -14.98 31.88
CA THR B 163 -22.91 -16.29 31.80
C THR B 163 -21.42 -16.11 32.02
N ILE B 164 -20.85 -16.94 32.91
CA ILE B 164 -19.42 -16.87 33.23
C ILE B 164 -18.76 -18.19 32.82
N THR B 165 -17.64 -18.09 32.09
CA THR B 165 -16.82 -19.26 31.79
C THR B 165 -15.62 -19.28 32.74
N ILE B 166 -15.46 -20.37 33.49
CA ILE B 166 -14.43 -20.45 34.50
C ILE B 166 -13.52 -21.65 34.23
N MET B 167 -12.33 -21.60 34.80
CA MET B 167 -11.36 -22.68 34.68
C MET B 167 -10.64 -22.81 36.03
N PRO B 168 -10.42 -24.05 36.54
CA PRO B 168 -9.59 -24.25 37.73
C PRO B 168 -8.26 -23.52 37.60
N ALA B 169 -7.87 -22.86 38.71
CA ALA B 169 -6.78 -21.89 38.70
C ALA B 169 -5.46 -22.58 38.41
N PHE B 170 -5.32 -23.80 38.93
N PHE B 170 -5.28 -23.78 38.96
CA PHE B 170 -4.10 -24.58 38.73
CA PHE B 170 -4.05 -24.52 38.72
C PHE B 170 -3.89 -24.87 37.25
C PHE B 170 -3.89 -24.75 37.22
N ILE B 171 -5.00 -24.99 36.50
CA ILE B 171 -4.92 -25.28 35.07
C ILE B 171 -4.65 -23.97 34.33
N PHE B 172 -5.44 -22.94 34.64
CA PHE B 172 -5.20 -21.61 34.09
C PHE B 172 -3.73 -21.17 34.24
N GLU B 173 -3.15 -21.22 35.45
CA GLU B 173 -1.77 -20.82 35.65
C GLU B 173 -0.81 -21.67 34.81
N HIS B 174 -1.09 -22.97 34.60
CA HIS B 174 -0.27 -23.80 33.72
C HIS B 174 -0.37 -23.38 32.25
N ILE B 175 -1.55 -22.94 31.81
CA ILE B 175 -1.75 -22.63 30.39
C ILE B 175 -1.04 -21.32 30.03
N ILE B 176 -1.00 -20.36 30.93
CA ILE B 176 -0.45 -19.06 30.61
C ILE B 176 1.09 -19.05 30.72
N LYS B 177 1.68 -20.18 31.12
CA LYS B 177 3.14 -20.28 31.20
C LYS B 177 3.76 -20.25 29.81
N ARG B 178 5.07 -19.95 29.78
CA ARG B 178 5.83 -19.63 28.57
C ARG B 178 5.11 -18.58 27.74
N MET B 179 4.72 -17.46 28.37
CA MET B 179 4.10 -16.38 27.61
C MET B 179 4.12 -15.12 28.47
N ALA B 180 4.85 -14.09 28.01
CA ALA B 180 5.06 -12.88 28.78
C ALA B 180 3.72 -12.18 29.00
N PRO B 181 3.35 -11.87 30.26
CA PRO B 181 2.09 -11.16 30.54
C PRO B 181 1.79 -9.90 29.75
N SER B 182 2.80 -9.34 29.08
CA SER B 182 2.63 -8.10 28.32
C SER B 182 2.03 -8.41 26.96
N ILE B 183 2.37 -9.60 26.44
CA ILE B 183 1.77 -10.17 25.24
C ILE B 183 0.30 -10.48 25.54
N MET B 184 0.10 -11.22 26.64
CA MET B 184 -1.21 -11.69 27.02
C MET B 184 -2.08 -10.45 27.25
N LYS B 185 -1.51 -9.50 27.98
CA LYS B 185 -2.26 -8.30 28.36
C LYS B 185 -2.62 -7.48 27.12
N SER B 186 -1.81 -7.54 26.04
CA SER B 186 -2.04 -6.61 24.94
C SER B 186 -2.65 -7.29 23.71
N LEU B 187 -2.33 -8.58 23.46
CA LEU B 187 -2.70 -9.23 22.21
C LEU B 187 -3.99 -10.04 22.34
N MET B 188 -4.38 -10.42 23.58
CA MET B 188 -5.47 -11.35 23.74
C MET B 188 -6.73 -10.75 23.11
N ASP B 189 -7.49 -11.57 22.38
CA ASP B 189 -8.71 -11.15 21.69
C ASP B 189 -9.79 -10.97 22.75
N HIS B 190 -10.58 -9.89 22.64
CA HIS B 190 -11.60 -9.58 23.62
C HIS B 190 -12.92 -9.22 22.93
N THR B 191 -12.99 -9.57 21.64
CA THR B 191 -14.16 -9.40 20.79
C THR B 191 -15.41 -9.92 21.47
N ILE B 192 -16.49 -9.13 21.33
CA ILE B 192 -17.81 -9.58 21.73
C ILE B 192 -18.27 -10.59 20.66
N PRO B 193 -18.79 -11.78 21.06
CA PRO B 193 -19.33 -12.75 20.11
C PRO B 193 -20.39 -12.11 19.20
N GLU B 194 -20.26 -12.38 17.90
CA GLU B 194 -21.11 -11.83 16.85
C GLU B 194 -22.11 -12.88 16.40
N VAL B 195 -23.02 -12.44 15.52
CA VAL B 195 -23.87 -13.37 14.82
C VAL B 195 -23.89 -13.00 13.32
N ALA C 3 8.55 0.87 -29.92
CA ALA C 3 7.93 0.67 -28.59
C ALA C 3 8.09 -0.80 -28.14
N GLU C 4 7.57 -1.74 -28.95
CA GLU C 4 7.47 -3.14 -28.58
C GLU C 4 8.86 -3.72 -28.32
N ILE C 5 9.10 -4.22 -27.09
CA ILE C 5 10.41 -4.72 -26.69
C ILE C 5 10.66 -6.09 -27.33
N LYS C 6 11.45 -6.09 -28.41
CA LYS C 6 11.87 -7.31 -29.09
C LYS C 6 13.01 -7.95 -28.28
N GLN C 7 12.83 -9.22 -27.90
CA GLN C 7 13.88 -10.05 -27.30
C GLN C 7 14.92 -10.42 -28.36
N GLY C 8 15.99 -11.11 -27.92
CA GLY C 8 17.14 -11.36 -28.78
C GLY C 8 18.13 -10.19 -28.78
N ILE C 9 19.29 -10.43 -29.40
CA ILE C 9 20.42 -9.52 -29.31
C ILE C 9 20.86 -9.17 -30.73
N ARG C 10 20.73 -7.88 -31.11
CA ARG C 10 21.16 -7.41 -32.43
C ARG C 10 22.53 -6.75 -32.35
N GLU C 11 23.20 -6.69 -33.51
CA GLU C 11 24.46 -5.98 -33.71
C GLU C 11 24.14 -4.60 -34.29
N VAL C 12 25.04 -3.64 -34.06
CA VAL C 12 24.97 -2.33 -34.70
C VAL C 12 26.38 -1.89 -35.08
N ILE C 13 26.46 -1.20 -36.24
CA ILE C 13 27.68 -0.61 -36.78
C ILE C 13 27.57 0.90 -36.60
N LEU C 14 28.67 1.55 -36.22
CA LEU C 14 28.64 2.99 -35.98
C LEU C 14 29.89 3.66 -36.53
N CYS C 15 29.74 4.95 -36.86
CA CYS C 15 30.85 5.85 -37.04
C CYS C 15 30.67 7.05 -36.12
N LYS C 16 31.81 7.62 -35.68
CA LYS C 16 31.80 8.85 -34.91
C LYS C 16 31.51 10.03 -35.84
N ASP C 17 30.70 10.98 -35.37
CA ASP C 17 30.39 12.18 -36.14
C ASP C 17 31.66 13.02 -36.26
N GLN C 18 31.50 14.23 -36.80
CA GLN C 18 32.64 15.03 -37.22
C GLN C 18 33.46 15.46 -36.00
N ASP C 19 32.80 15.54 -34.83
CA ASP C 19 33.49 15.81 -33.58
C ASP C 19 33.94 14.52 -32.88
N GLY C 20 34.01 13.39 -33.61
CA GLY C 20 34.49 12.14 -33.04
C GLY C 20 33.64 11.63 -31.87
N LYS C 21 32.36 12.04 -31.80
CA LYS C 21 31.41 11.57 -30.82
C LYS C 21 30.48 10.54 -31.47
N ILE C 22 29.78 9.73 -30.64
CA ILE C 22 28.66 8.93 -31.09
C ILE C 22 27.37 9.33 -30.39
N GLY C 23 27.48 9.93 -29.20
CA GLY C 23 26.34 10.57 -28.56
C GLY C 23 25.63 9.68 -27.52
N LEU C 24 26.44 8.88 -26.80
CA LEU C 24 25.98 7.95 -25.77
C LEU C 24 26.55 8.34 -24.41
N ARG C 25 25.74 8.20 -23.35
CA ARG C 25 26.30 8.00 -22.03
C ARG C 25 25.92 6.59 -21.55
N LEU C 26 26.94 5.82 -21.16
CA LEU C 26 26.80 4.48 -20.63
C LEU C 26 26.89 4.44 -19.11
N LYS C 27 26.43 3.33 -18.49
CA LYS C 27 26.32 3.22 -17.04
C LYS C 27 26.37 1.77 -16.59
N SER C 28 27.18 1.51 -15.56
CA SER C 28 27.30 0.22 -14.91
C SER C 28 26.06 -0.08 -14.09
N ILE C 29 25.48 -1.28 -14.29
CA ILE C 29 24.35 -1.78 -13.53
C ILE C 29 24.45 -3.29 -13.44
N ASP C 30 24.47 -3.84 -12.22
CA ASP C 30 24.43 -5.28 -11.97
C ASP C 30 25.42 -5.98 -12.89
N ASN C 31 26.61 -5.35 -13.04
CA ASN C 31 27.75 -5.89 -13.77
C ASN C 31 27.51 -5.98 -15.26
N GLY C 32 26.46 -5.30 -15.72
CA GLY C 32 26.27 -5.04 -17.13
C GLY C 32 26.49 -3.57 -17.44
N ILE C 33 26.39 -3.24 -18.73
CA ILE C 33 26.54 -1.87 -19.19
C ILE C 33 25.31 -1.44 -19.97
N PHE C 34 24.75 -0.30 -19.59
CA PHE C 34 23.46 0.17 -20.09
C PHE C 34 23.55 1.63 -20.53
N VAL C 35 22.75 1.95 -21.55
CA VAL C 35 22.59 3.29 -22.10
C VAL C 35 21.77 4.15 -21.14
N GLN C 36 22.43 5.16 -20.55
CA GLN C 36 21.74 6.09 -19.67
C GLN C 36 21.34 7.36 -20.41
N LEU C 37 21.94 7.62 -21.57
CA LEU C 37 21.49 8.75 -22.37
C LEU C 37 21.86 8.52 -23.83
N VAL C 38 20.90 8.79 -24.73
CA VAL C 38 21.17 8.89 -26.16
C VAL C 38 20.89 10.34 -26.60
N GLN C 39 21.81 10.91 -27.38
CA GLN C 39 21.63 12.27 -27.86
C GLN C 39 20.87 12.29 -29.17
N ALA C 40 19.80 13.10 -29.22
CA ALA C 40 19.06 13.32 -30.47
C ALA C 40 20.02 13.67 -31.60
N ASN C 41 19.81 13.06 -32.78
N ASN C 41 19.68 13.18 -32.80
CA ASN C 41 20.54 13.39 -34.00
CA ASN C 41 20.51 13.27 -33.99
C ASN C 41 21.99 12.93 -33.94
C ASN C 41 21.97 13.13 -33.59
N SER C 42 22.28 11.93 -33.10
CA SER C 42 23.64 11.44 -32.92
C SER C 42 23.78 10.19 -33.77
N PRO C 43 25.00 9.72 -34.09
CA PRO C 43 25.18 8.38 -34.66
C PRO C 43 24.46 7.24 -33.94
N ALA C 44 24.10 7.45 -32.66
CA ALA C 44 23.52 6.44 -31.80
C ALA C 44 22.00 6.40 -31.98
N SER C 45 21.38 7.58 -31.91
CA SER C 45 19.96 7.74 -32.15
C SER C 45 19.60 7.19 -33.54
N LEU C 46 20.42 7.55 -34.52
CA LEU C 46 20.12 7.29 -35.91
C LEU C 46 20.15 5.79 -36.15
N VAL C 47 21.14 5.13 -35.56
CA VAL C 47 21.37 3.73 -35.80
C VAL C 47 20.40 2.87 -34.97
N GLY C 48 19.57 3.48 -34.10
CA GLY C 48 18.55 2.76 -33.35
C GLY C 48 18.77 2.59 -31.83
N LEU C 49 19.96 2.89 -31.28
CA LEU C 49 20.18 2.68 -29.85
C LEU C 49 19.20 3.53 -29.08
N ARG C 50 18.75 2.99 -27.94
CA ARG C 50 17.73 3.61 -27.12
C ARG C 50 18.15 3.60 -25.67
N PHE C 51 17.49 4.47 -24.88
CA PHE C 51 17.70 4.54 -23.46
C PHE C 51 17.34 3.21 -22.82
N GLY C 52 18.28 2.62 -22.08
CA GLY C 52 17.97 1.50 -21.21
C GLY C 52 18.36 0.18 -21.85
N ASP C 53 18.93 0.31 -23.05
CA ASP C 53 19.52 -0.75 -23.84
C ASP C 53 20.78 -1.26 -23.14
N GLN C 54 21.10 -2.56 -23.34
CA GLN C 54 22.25 -3.19 -22.73
C GLN C 54 23.31 -3.41 -23.79
N VAL C 55 24.55 -3.02 -23.49
CA VAL C 55 25.70 -3.29 -24.33
C VAL C 55 26.45 -4.49 -23.78
N LEU C 56 26.40 -5.60 -24.53
CA LEU C 56 27.04 -6.85 -24.16
C LEU C 56 28.48 -6.90 -24.67
N GLN C 57 28.73 -6.35 -25.86
CA GLN C 57 30.10 -6.23 -26.36
C GLN C 57 30.29 -4.91 -27.09
N ILE C 58 31.56 -4.49 -27.17
CA ILE C 58 32.03 -3.39 -28.01
C ILE C 58 33.24 -3.90 -28.79
N ASN C 59 33.20 -3.71 -30.11
CA ASN C 59 34.17 -4.27 -31.03
C ASN C 59 34.57 -5.66 -30.55
N GLY C 60 33.58 -6.45 -30.12
CA GLY C 60 33.74 -7.90 -30.02
C GLY C 60 34.44 -8.32 -28.73
N GLU C 61 34.34 -7.46 -27.72
CA GLU C 61 34.90 -7.68 -26.41
C GLU C 61 33.77 -7.48 -25.40
N ASN C 62 33.68 -8.36 -24.40
CA ASN C 62 32.54 -8.40 -23.50
C ASN C 62 32.63 -7.18 -22.61
N CYS C 63 31.47 -6.60 -22.28
CA CYS C 63 31.39 -5.46 -21.41
C CYS C 63 31.16 -5.86 -19.97
N ALA C 64 31.04 -7.18 -19.69
CA ALA C 64 30.66 -7.61 -18.36
C ALA C 64 31.68 -7.11 -17.35
N GLY C 65 31.18 -6.51 -16.26
CA GLY C 65 32.00 -6.10 -15.15
C GLY C 65 32.51 -4.66 -15.27
N TRP C 66 32.59 -4.15 -16.51
CA TRP C 66 33.21 -2.87 -16.78
C TRP C 66 32.59 -1.79 -15.90
N SER C 67 33.42 -0.82 -15.49
CA SER C 67 32.85 0.40 -14.92
C SER C 67 32.37 1.27 -16.08
N SER C 68 31.50 2.23 -15.76
CA SER C 68 31.10 3.28 -16.67
C SER C 68 32.33 3.92 -17.30
N ASP C 69 33.31 4.27 -16.45
CA ASP C 69 34.52 4.96 -16.87
C ASP C 69 35.28 4.10 -17.90
N LYS C 70 35.33 2.79 -17.66
CA LYS C 70 36.06 1.92 -18.58
C LYS C 70 35.34 1.85 -19.93
N ALA C 71 34.01 1.91 -19.91
CA ALA C 71 33.26 1.84 -21.16
C ALA C 71 33.50 3.12 -21.99
N HIS C 72 33.41 4.28 -21.36
CA HIS C 72 33.63 5.54 -22.04
C HIS C 72 35.05 5.65 -22.58
N LYS C 73 36.03 5.22 -21.78
CA LYS C 73 37.41 5.26 -22.21
C LYS C 73 37.58 4.39 -23.47
N VAL C 74 37.00 3.19 -23.48
CA VAL C 74 37.13 2.25 -24.59
C VAL C 74 36.52 2.86 -25.85
N LEU C 75 35.32 3.44 -25.69
CA LEU C 75 34.67 4.05 -26.84
C LEU C 75 35.47 5.25 -27.32
N LYS C 76 35.94 6.11 -26.40
CA LYS C 76 36.69 7.29 -26.77
C LYS C 76 38.00 6.92 -27.47
N GLN C 77 38.55 5.74 -27.15
CA GLN C 77 39.81 5.28 -27.72
C GLN C 77 39.56 4.46 -28.98
N ALA C 78 38.27 4.21 -29.26
CA ALA C 78 37.87 3.50 -30.46
C ALA C 78 38.08 4.40 -31.67
N PHE C 79 39.26 4.26 -32.27
CA PHE C 79 39.53 4.90 -33.54
C PHE C 79 39.72 3.79 -34.56
N GLY C 80 38.67 2.99 -34.73
CA GLY C 80 38.51 2.19 -35.92
C GLY C 80 37.65 2.94 -36.93
N GLU C 81 37.44 2.31 -38.10
CA GLU C 81 36.62 2.87 -39.15
C GLU C 81 35.14 2.74 -38.76
N LYS C 82 34.75 1.52 -38.35
CA LYS C 82 33.43 1.30 -37.78
C LYS C 82 33.57 1.06 -36.27
N ILE C 83 32.44 1.16 -35.56
CA ILE C 83 32.33 0.64 -34.21
C ILE C 83 31.15 -0.34 -34.17
N THR C 84 31.44 -1.62 -33.88
CA THR C 84 30.42 -2.65 -33.70
C THR C 84 30.06 -2.81 -32.23
N MET C 85 28.76 -2.71 -31.91
CA MET C 85 28.25 -2.97 -30.58
C MET C 85 27.18 -4.06 -30.69
N THR C 86 27.27 -5.05 -29.81
CA THR C 86 26.20 -6.02 -29.62
C THR C 86 25.26 -5.57 -28.52
N ILE C 87 23.98 -5.50 -28.85
CA ILE C 87 22.95 -4.93 -28.01
C ILE C 87 21.92 -5.99 -27.63
N ARG C 88 21.34 -5.82 -26.43
CA ARG C 88 20.11 -6.43 -26.01
C ARG C 88 19.13 -5.33 -25.66
N ASP C 89 17.90 -5.49 -26.13
CA ASP C 89 16.96 -4.40 -26.26
C ASP C 89 16.25 -4.20 -24.92
N ARG C 90 16.33 -2.97 -24.41
CA ARG C 90 15.66 -2.48 -23.22
C ARG C 90 15.21 -3.60 -22.27
N PRO C 91 16.17 -4.33 -21.66
CA PRO C 91 15.84 -5.50 -20.83
C PRO C 91 15.12 -5.21 -19.52
N PHE C 92 15.17 -3.96 -19.03
CA PHE C 92 14.53 -3.64 -17.77
C PHE C 92 13.14 -3.08 -17.98
N GLU C 93 12.67 -3.00 -19.23
CA GLU C 93 11.43 -2.28 -19.46
C GLU C 93 10.42 -3.24 -20.07
N ARG C 94 9.13 -2.97 -19.85
N ARG C 94 9.14 -2.89 -19.95
CA ARG C 94 8.04 -3.58 -20.58
CA ARG C 94 8.05 -3.59 -20.60
C ARG C 94 7.24 -2.48 -21.29
C ARG C 94 7.02 -2.57 -21.10
N THR C 95 6.36 -2.90 -22.21
CA THR C 95 5.36 -2.01 -22.80
C THR C 95 3.97 -2.53 -22.49
N ILE C 96 3.10 -1.59 -22.10
CA ILE C 96 1.71 -1.82 -21.78
C ILE C 96 0.87 -1.03 -22.78
N THR C 97 -0.10 -1.72 -23.41
CA THR C 97 -1.01 -1.07 -24.35
C THR C 97 -2.41 -0.95 -23.77
N MET C 98 -2.95 0.26 -23.80
CA MET C 98 -4.21 0.56 -23.13
C MET C 98 -5.10 1.32 -24.10
N HIS C 99 -6.39 1.43 -23.75
CA HIS C 99 -7.38 2.11 -24.58
C HIS C 99 -8.05 3.20 -23.75
N LYS C 100 -8.10 4.43 -24.27
CA LYS C 100 -8.78 5.49 -23.58
C LYS C 100 -10.28 5.18 -23.47
N ASP C 101 -10.87 5.51 -22.31
CA ASP C 101 -12.32 5.59 -22.16
C ASP C 101 -12.88 6.73 -23.01
N SER C 102 -14.21 6.91 -22.96
CA SER C 102 -14.90 7.95 -23.73
C SER C 102 -14.27 9.31 -23.51
N THR C 103 -14.08 9.66 -22.24
CA THR C 103 -13.64 10.99 -21.82
C THR C 103 -12.16 11.19 -22.12
N GLY C 104 -11.49 10.15 -22.63
CA GLY C 104 -10.14 10.27 -23.18
C GLY C 104 -9.05 9.90 -22.18
N HIS C 105 -9.39 9.04 -21.21
CA HIS C 105 -8.54 8.70 -20.08
C HIS C 105 -8.07 7.25 -20.19
N VAL C 106 -6.77 7.03 -19.95
CA VAL C 106 -6.16 5.70 -19.95
C VAL C 106 -6.36 5.03 -18.60
N GLY C 107 -6.12 5.80 -17.53
CA GLY C 107 -6.56 5.49 -16.18
C GLY C 107 -5.41 5.42 -15.18
N PHE C 108 -4.46 6.34 -15.27
CA PHE C 108 -3.43 6.41 -14.23
C PHE C 108 -3.02 7.86 -13.93
N ILE C 109 -2.17 7.99 -12.91
CA ILE C 109 -1.78 9.22 -12.25
C ILE C 109 -0.28 9.15 -12.03
N PHE C 110 0.44 10.27 -12.21
CA PHE C 110 1.90 10.22 -12.19
C PHE C 110 2.53 11.57 -11.85
N LYS C 111 3.59 11.51 -11.04
CA LYS C 111 4.39 12.62 -10.60
C LYS C 111 5.81 12.36 -11.08
N ASN C 112 6.52 13.39 -11.53
CA ASN C 112 7.86 13.21 -12.06
C ASN C 112 7.96 11.98 -12.97
N GLY C 113 6.99 11.82 -13.90
CA GLY C 113 7.03 10.76 -14.89
C GLY C 113 7.09 9.35 -14.27
N LYS C 114 6.36 9.17 -13.16
CA LYS C 114 6.36 7.95 -12.39
C LYS C 114 4.94 7.67 -11.90
N ILE C 115 4.41 6.48 -12.22
CA ILE C 115 3.01 6.18 -11.98
C ILE C 115 2.81 6.03 -10.48
N THR C 116 1.73 6.65 -9.97
CA THR C 116 1.50 6.64 -8.53
C THR C 116 0.16 6.06 -8.16
N SER C 117 -0.77 5.94 -9.12
CA SER C 117 -1.97 5.18 -8.82
C SER C 117 -2.70 4.84 -10.10
N ILE C 118 -3.49 3.76 -10.02
CA ILE C 118 -4.25 3.23 -11.13
C ILE C 118 -5.72 3.43 -10.77
N VAL C 119 -6.47 4.03 -11.70
CA VAL C 119 -7.88 4.29 -11.50
C VAL C 119 -8.61 2.95 -11.61
N LYS C 120 -9.63 2.76 -10.79
CA LYS C 120 -10.41 1.54 -10.87
C LYS C 120 -11.19 1.53 -12.18
N ASP C 121 -11.36 0.31 -12.71
CA ASP C 121 -12.14 0.04 -13.91
C ASP C 121 -11.58 0.82 -15.10
N SER C 122 -10.32 1.26 -15.01
CA SER C 122 -9.66 1.86 -16.15
C SER C 122 -9.09 0.78 -17.05
N SER C 123 -8.65 1.19 -18.25
CA SER C 123 -7.90 0.30 -19.12
C SER C 123 -6.54 0.00 -18.49
N ALA C 124 -6.00 0.98 -17.74
CA ALA C 124 -4.77 0.82 -16.98
C ALA C 124 -4.89 -0.39 -16.05
N ALA C 125 -6.00 -0.46 -15.31
CA ALA C 125 -6.29 -1.57 -14.43
C ALA C 125 -6.45 -2.90 -15.21
N ARG C 126 -7.26 -2.90 -16.28
CA ARG C 126 -7.58 -4.09 -17.05
C ARG C 126 -6.32 -4.76 -17.59
N ASN C 127 -5.30 -3.96 -17.93
CA ASN C 127 -4.04 -4.46 -18.45
C ASN C 127 -2.94 -4.45 -17.38
N GLY C 128 -3.27 -4.19 -16.11
CA GLY C 128 -2.31 -4.38 -15.02
C GLY C 128 -1.04 -3.53 -15.13
N LEU C 129 -1.24 -2.22 -15.38
CA LEU C 129 -0.21 -1.21 -15.21
C LEU C 129 0.09 -1.10 -13.71
N LEU C 130 1.36 -0.87 -13.38
CA LEU C 130 1.83 -0.91 -12.01
C LEU C 130 2.23 0.48 -11.51
N THR C 131 2.11 0.70 -10.19
CA THR C 131 2.65 1.87 -9.53
C THR C 131 4.13 1.65 -9.29
N GLU C 132 4.86 2.74 -9.02
CA GLU C 132 6.31 2.70 -8.81
C GLU C 132 7.03 2.25 -10.08
N HIS C 133 6.54 2.70 -11.24
CA HIS C 133 7.24 2.54 -12.50
C HIS C 133 7.46 3.89 -13.16
N ASN C 134 8.62 4.09 -13.77
CA ASN C 134 8.93 5.30 -14.52
C ASN C 134 8.64 5.15 -16.01
N ILE C 135 7.85 6.08 -16.56
CA ILE C 135 7.53 6.12 -17.98
C ILE C 135 8.77 6.50 -18.77
N CYS C 136 9.18 5.58 -19.66
CA CYS C 136 10.39 5.77 -20.44
C CYS C 136 10.06 6.21 -21.86
N GLU C 137 8.92 5.69 -22.35
CA GLU C 137 8.51 5.96 -23.71
C GLU C 137 6.99 5.97 -23.76
N ILE C 138 6.46 6.65 -24.78
CA ILE C 138 5.07 6.60 -25.17
C ILE C 138 5.02 6.41 -26.68
N ASN C 139 4.34 5.35 -27.13
CA ASN C 139 4.24 4.98 -28.54
C ASN C 139 5.62 5.06 -29.17
N GLY C 140 6.60 4.51 -28.46
CA GLY C 140 7.96 4.40 -28.99
C GLY C 140 8.79 5.67 -28.81
N GLN C 141 8.22 6.71 -28.20
CA GLN C 141 8.96 7.96 -28.10
C GLN C 141 9.42 8.21 -26.66
N ASN C 142 10.74 8.31 -26.49
CA ASN C 142 11.37 8.66 -25.22
C ASN C 142 10.76 9.95 -24.66
N VAL C 143 10.26 9.91 -23.41
CA VAL C 143 9.82 11.11 -22.74
C VAL C 143 10.65 11.35 -21.48
N ILE C 144 11.91 10.94 -21.47
CA ILE C 144 12.70 11.08 -20.25
C ILE C 144 13.34 12.47 -20.21
N GLY C 145 12.86 13.28 -19.26
CA GLY C 145 13.18 14.70 -19.16
C GLY C 145 11.91 15.55 -19.04
N LEU C 146 10.91 15.19 -19.83
CA LEU C 146 9.73 16.00 -20.06
C LEU C 146 8.85 16.00 -18.81
N LYS C 147 8.03 17.03 -18.65
CA LYS C 147 7.41 17.34 -17.38
C LYS C 147 6.03 16.69 -17.30
N ASP C 148 5.46 16.66 -16.10
CA ASP C 148 4.16 16.03 -15.95
C ASP C 148 3.21 16.69 -16.96
N SER C 149 3.52 17.95 -17.30
CA SER C 149 2.83 18.72 -18.32
C SER C 149 3.11 18.20 -19.73
N GLN C 150 4.39 18.16 -20.12
CA GLN C 150 4.76 17.79 -21.46
C GLN C 150 4.29 16.35 -21.72
N ILE C 151 4.73 15.43 -20.85
CA ILE C 151 4.34 14.04 -20.91
C ILE C 151 2.84 13.97 -21.14
N ALA C 152 2.08 14.68 -20.29
CA ALA C 152 0.62 14.67 -20.38
C ALA C 152 0.13 15.15 -21.75
N ASP C 153 0.90 16.02 -22.41
CA ASP C 153 0.44 16.63 -23.65
C ASP C 153 0.47 15.58 -24.76
N ILE C 154 1.38 14.61 -24.61
CA ILE C 154 1.52 13.50 -25.53
C ILE C 154 0.44 12.44 -25.25
N LEU C 155 0.04 12.31 -23.98
CA LEU C 155 -1.02 11.39 -23.62
C LEU C 155 -2.34 11.87 -24.22
N SER C 156 -2.45 13.19 -24.45
CA SER C 156 -3.56 13.74 -25.21
C SER C 156 -3.40 13.44 -26.70
N THR C 157 -2.24 13.78 -27.26
CA THR C 157 -2.04 13.79 -28.71
C THR C 157 -1.87 12.37 -29.28
N SER C 158 -1.73 11.35 -28.42
CA SER C 158 -1.92 9.98 -28.85
C SER C 158 -3.38 9.77 -29.22
N GLY C 159 -3.66 8.62 -29.81
CA GLY C 159 -5.02 8.24 -30.12
C GLY C 159 -5.73 7.60 -28.93
N THR C 160 -6.72 6.76 -29.23
CA THR C 160 -7.45 6.03 -28.21
C THR C 160 -6.58 4.92 -27.64
N VAL C 161 -5.61 4.46 -28.43
CA VAL C 161 -4.76 3.32 -28.12
C VAL C 161 -3.37 3.84 -27.78
N VAL C 162 -2.92 3.64 -26.54
CA VAL C 162 -1.63 4.12 -26.10
C VAL C 162 -0.78 2.96 -25.57
N THR C 163 0.50 2.96 -25.93
CA THR C 163 1.50 2.02 -25.43
C THR C 163 2.51 2.75 -24.55
N ILE C 164 2.59 2.36 -23.28
CA ILE C 164 3.54 2.99 -22.36
C ILE C 164 4.71 2.02 -22.12
N THR C 165 5.94 2.52 -22.26
CA THR C 165 7.10 1.74 -21.88
C THR C 165 7.52 2.16 -20.49
N ILE C 166 7.41 1.21 -19.54
CA ILE C 166 7.64 1.47 -18.14
C ILE C 166 8.82 0.65 -17.64
N MET C 167 9.46 1.18 -16.58
CA MET C 167 10.65 0.62 -15.96
C MET C 167 10.43 0.70 -14.45
N PRO C 168 10.76 -0.35 -13.65
CA PRO C 168 10.63 -0.27 -12.21
C PRO C 168 11.41 0.94 -11.69
N ALA C 169 10.77 1.76 -10.85
CA ALA C 169 11.35 3.00 -10.39
C ALA C 169 12.79 2.84 -9.90
N PHE C 170 13.07 1.82 -9.08
N PHE C 170 13.05 1.81 -9.08
CA PHE C 170 14.34 1.77 -8.37
CA PHE C 170 14.31 1.69 -8.36
C PHE C 170 15.46 1.45 -9.34
C PHE C 170 15.45 1.46 -9.35
N ILE C 171 15.12 0.89 -10.50
CA ILE C 171 16.15 0.60 -11.48
C ILE C 171 16.33 1.88 -12.26
N PHE C 172 15.24 2.62 -12.42
CA PHE C 172 15.26 3.87 -13.15
C PHE C 172 16.25 4.81 -12.47
N GLU C 173 16.03 5.05 -11.17
CA GLU C 173 16.89 5.90 -10.35
C GLU C 173 18.35 5.47 -10.43
N HIS C 174 18.61 4.17 -10.50
CA HIS C 174 19.97 3.71 -10.52
C HIS C 174 20.62 4.09 -11.85
N ILE C 175 19.92 3.78 -12.96
CA ILE C 175 20.44 4.08 -14.29
C ILE C 175 20.79 5.56 -14.43
N ILE C 176 20.04 6.48 -13.83
CA ILE C 176 20.22 7.91 -14.11
C ILE C 176 21.10 8.60 -13.06
N LYS C 177 21.67 7.84 -12.12
CA LYS C 177 22.82 8.28 -11.34
C LYS C 177 23.93 8.68 -12.30
N ARG C 178 24.88 9.49 -11.81
CA ARG C 178 26.06 9.95 -12.54
C ARG C 178 25.67 10.91 -13.66
N MET C 179 24.59 11.66 -13.43
CA MET C 179 23.99 12.45 -14.49
C MET C 179 23.01 13.43 -13.87
N ALA C 180 23.21 14.72 -14.16
CA ALA C 180 22.44 15.78 -13.52
C ALA C 180 21.13 15.99 -14.26
N PRO C 181 20.00 16.16 -13.55
CA PRO C 181 18.71 16.41 -14.20
C PRO C 181 18.67 17.54 -15.24
N SER C 182 19.59 18.51 -15.12
CA SER C 182 19.73 19.56 -16.11
C SER C 182 20.24 18.99 -17.43
N ILE C 183 21.21 18.07 -17.37
CA ILE C 183 21.83 17.53 -18.57
C ILE C 183 20.88 16.52 -19.21
N MET C 184 20.24 15.70 -18.36
CA MET C 184 19.41 14.62 -18.87
C MET C 184 18.35 15.21 -19.78
N LYS C 185 17.63 16.21 -19.28
CA LYS C 185 16.51 16.80 -20.00
C LYS C 185 17.00 17.42 -21.30
N SER C 186 18.14 18.10 -21.24
CA SER C 186 18.55 18.96 -22.31
C SER C 186 19.02 18.16 -23.54
N LEU C 187 19.69 17.01 -23.30
CA LEU C 187 20.42 16.26 -24.32
C LEU C 187 19.68 15.00 -24.76
N MET C 188 18.68 14.54 -23.98
CA MET C 188 18.10 13.22 -24.14
C MET C 188 17.25 13.16 -25.42
N ASP C 189 17.68 12.33 -26.38
CA ASP C 189 16.88 12.07 -27.57
C ASP C 189 15.40 11.89 -27.22
N HIS C 190 14.53 12.78 -27.76
CA HIS C 190 13.08 12.64 -27.70
C HIS C 190 12.51 12.63 -29.13
N THR C 191 13.34 12.20 -30.08
CA THR C 191 13.00 12.24 -31.49
C THR C 191 11.98 11.17 -31.83
N ILE C 192 11.46 11.22 -33.07
CA ILE C 192 10.47 10.28 -33.58
C ILE C 192 10.98 9.76 -34.91
N PRO C 193 11.74 8.64 -34.94
CA PRO C 193 12.53 8.29 -36.12
C PRO C 193 11.69 8.14 -37.39
N GLU C 194 10.52 7.48 -37.25
CA GLU C 194 9.68 7.08 -38.37
C GLU C 194 8.23 7.33 -37.97
N VAL C 195 7.38 7.59 -38.97
CA VAL C 195 5.96 7.69 -38.73
C VAL C 195 5.25 6.77 -39.73
N ILE D 5 -17.32 36.84 -1.87
CA ILE D 5 -17.18 38.21 -1.28
C ILE D 5 -18.21 39.12 -1.97
N LYS D 6 -19.09 39.75 -1.18
CA LYS D 6 -20.23 40.50 -1.71
C LYS D 6 -20.28 41.91 -1.09
N GLN D 7 -19.99 42.93 -1.90
CA GLN D 7 -20.06 44.32 -1.45
C GLN D 7 -21.46 44.63 -0.91
N GLY D 8 -21.52 45.53 0.08
CA GLY D 8 -22.75 45.78 0.81
C GLY D 8 -22.86 44.89 2.05
N ILE D 9 -23.97 45.09 2.77
CA ILE D 9 -24.12 44.66 4.15
C ILE D 9 -25.20 43.58 4.24
N ARG D 10 -25.02 42.58 5.13
CA ARG D 10 -25.92 41.45 5.25
C ARG D 10 -26.53 41.34 6.66
N GLU D 11 -27.79 41.79 6.80
CA GLU D 11 -28.54 41.63 8.05
C GLU D 11 -28.92 40.17 8.27
N VAL D 12 -28.66 39.67 9.49
CA VAL D 12 -29.09 38.33 9.86
C VAL D 12 -29.81 38.34 11.22
N ILE D 13 -30.63 37.29 11.41
CA ILE D 13 -31.44 37.06 12.60
C ILE D 13 -31.15 35.65 13.12
N LEU D 14 -30.62 35.57 14.35
CA LEU D 14 -30.22 34.32 14.95
C LEU D 14 -31.08 34.06 16.18
N CYS D 15 -31.10 32.79 16.59
CA CYS D 15 -31.60 32.42 17.91
C CYS D 15 -30.50 31.66 18.64
N LYS D 16 -30.34 31.97 19.93
CA LYS D 16 -29.47 31.21 20.79
C LYS D 16 -29.90 29.74 20.68
N ASP D 17 -28.94 28.83 20.84
CA ASP D 17 -29.26 27.41 20.96
C ASP D 17 -29.52 27.14 22.43
N GLN D 18 -29.77 25.88 22.80
CA GLN D 18 -30.24 25.52 24.15
C GLN D 18 -29.23 25.91 25.24
N ASP D 19 -27.91 25.93 24.97
CA ASP D 19 -26.93 26.31 26.00
C ASP D 19 -26.67 27.82 26.03
N GLY D 20 -27.36 28.59 25.17
CA GLY D 20 -27.26 30.05 25.14
C GLY D 20 -26.21 30.57 24.15
N LYS D 21 -25.61 29.68 23.36
CA LYS D 21 -24.56 30.06 22.41
C LYS D 21 -25.22 30.54 21.12
N ILE D 22 -24.51 31.38 20.36
CA ILE D 22 -24.75 31.51 18.94
C ILE D 22 -23.67 30.79 18.15
N GLY D 23 -22.60 30.34 18.84
CA GLY D 23 -21.45 29.70 18.20
C GLY D 23 -20.72 30.70 17.29
N LEU D 24 -20.22 31.81 17.89
CA LEU D 24 -19.28 32.75 17.31
C LEU D 24 -18.05 32.87 18.21
N ARG D 25 -17.00 33.46 17.64
CA ARG D 25 -15.99 34.16 18.40
C ARG D 25 -15.60 35.45 17.70
N LEU D 26 -15.07 36.39 18.48
CA LEU D 26 -14.77 37.70 17.94
C LEU D 26 -13.37 38.13 18.36
N LYS D 27 -12.79 39.02 17.54
CA LYS D 27 -11.55 39.72 17.86
C LYS D 27 -11.70 41.18 17.39
N SER D 28 -11.17 42.12 18.21
CA SER D 28 -11.14 43.53 17.83
C SER D 28 -10.02 43.65 16.81
N ILE D 29 -10.29 44.31 15.68
CA ILE D 29 -9.20 44.61 14.76
C ILE D 29 -9.50 45.97 14.18
N ASP D 30 -8.52 46.90 14.32
CA ASP D 30 -8.60 48.22 13.74
C ASP D 30 -9.93 48.89 14.12
N ASN D 31 -10.38 48.69 15.38
CA ASN D 31 -11.61 49.28 15.93
C ASN D 31 -12.87 48.79 15.23
N GLY D 32 -12.73 47.66 14.54
CA GLY D 32 -13.88 46.88 14.12
C GLY D 32 -13.97 45.63 14.97
N ILE D 33 -15.05 44.90 14.77
CA ILE D 33 -15.18 43.58 15.36
C ILE D 33 -15.27 42.57 14.21
N PHE D 34 -14.54 41.47 14.35
CA PHE D 34 -14.38 40.48 13.30
C PHE D 34 -14.57 39.06 13.83
N VAL D 35 -15.25 38.21 13.03
CA VAL D 35 -15.45 36.82 13.40
C VAL D 35 -14.14 36.08 13.18
N GLN D 36 -13.50 35.76 14.27
CA GLN D 36 -12.36 34.88 14.31
C GLN D 36 -12.80 33.42 14.13
N LEU D 37 -14.10 33.10 14.33
CA LEU D 37 -14.55 31.71 14.31
C LEU D 37 -16.07 31.58 14.14
N VAL D 38 -16.49 30.80 13.13
CA VAL D 38 -17.87 30.32 13.07
C VAL D 38 -17.82 28.87 13.52
N GLN D 39 -18.71 28.51 14.46
CA GLN D 39 -18.81 27.14 14.96
C GLN D 39 -19.64 26.28 13.98
N ALA D 40 -19.12 25.08 13.72
CA ALA D 40 -19.90 24.04 13.04
C ALA D 40 -21.11 23.74 13.91
N ASN D 41 -22.31 23.74 13.31
CA ASN D 41 -23.55 23.44 14.01
C ASN D 41 -24.12 24.69 14.71
N SER D 42 -23.43 25.83 14.64
CA SER D 42 -23.90 27.02 15.34
C SER D 42 -25.12 27.62 14.66
N PRO D 43 -26.00 28.28 15.44
CA PRO D 43 -27.03 29.15 14.87
C PRO D 43 -26.38 30.19 13.94
N ALA D 44 -25.18 30.64 14.33
CA ALA D 44 -24.32 31.44 13.48
C ALA D 44 -24.18 30.81 12.09
N SER D 45 -23.55 29.62 12.02
CA SER D 45 -23.38 28.94 10.73
C SER D 45 -24.71 28.90 9.98
N LEU D 46 -25.69 28.19 10.56
CA LEU D 46 -27.01 28.01 9.97
C LEU D 46 -27.53 29.26 9.24
N VAL D 47 -27.25 30.49 9.70
CA VAL D 47 -27.77 31.66 8.97
C VAL D 47 -26.71 32.29 8.06
N GLY D 48 -25.49 31.77 8.02
CA GLY D 48 -24.56 32.12 6.95
C GLY D 48 -23.50 33.15 7.36
N LEU D 49 -23.14 33.17 8.65
CA LEU D 49 -21.95 33.87 9.11
C LEU D 49 -20.71 33.04 8.79
N ARG D 50 -19.65 33.75 8.32
CA ARG D 50 -18.38 33.15 7.95
C ARG D 50 -17.22 33.86 8.64
N PHE D 51 -16.15 33.07 8.93
CA PHE D 51 -14.89 33.56 9.46
C PHE D 51 -14.45 34.82 8.70
N GLY D 52 -13.92 35.76 9.49
CA GLY D 52 -13.44 37.04 8.97
C GLY D 52 -14.55 37.96 8.52
N ASP D 53 -15.82 37.59 8.78
CA ASP D 53 -16.91 38.55 8.58
C ASP D 53 -16.75 39.64 9.64
N GLN D 54 -17.13 40.85 9.27
CA GLN D 54 -17.15 41.98 10.18
C GLN D 54 -18.58 42.12 10.72
N VAL D 55 -18.68 42.24 12.06
CA VAL D 55 -19.95 42.49 12.72
C VAL D 55 -20.14 43.98 12.97
N LEU D 56 -21.04 44.62 12.21
CA LEU D 56 -21.21 46.06 12.30
C LEU D 56 -22.03 46.45 13.53
N GLN D 57 -23.34 46.13 13.47
CA GLN D 57 -24.24 46.29 14.60
C GLN D 57 -24.45 44.96 15.29
N ILE D 58 -24.90 45.05 16.55
CA ILE D 58 -25.71 44.05 17.20
C ILE D 58 -26.92 44.78 17.82
N ASN D 59 -28.10 44.26 17.45
CA ASN D 59 -29.35 44.69 18.02
C ASN D 59 -29.44 46.21 17.87
N GLY D 60 -28.98 46.72 16.72
CA GLY D 60 -28.94 48.15 16.47
C GLY D 60 -27.62 48.78 16.90
N GLU D 61 -26.94 48.17 17.87
CA GLU D 61 -25.79 48.77 18.55
C GLU D 61 -24.49 48.55 17.77
N ASN D 62 -23.91 49.64 17.27
CA ASN D 62 -22.67 49.62 16.49
C ASN D 62 -21.50 49.15 17.35
N CYS D 63 -20.82 48.07 16.91
CA CYS D 63 -19.75 47.46 17.68
C CYS D 63 -18.39 48.18 17.51
N ALA D 64 -18.43 49.31 16.78
CA ALA D 64 -17.28 50.12 16.45
C ALA D 64 -16.54 50.54 17.72
N GLY D 65 -15.38 49.93 17.96
CA GLY D 65 -14.49 50.34 19.02
C GLY D 65 -14.38 49.28 20.10
N TRP D 66 -15.35 48.37 20.20
CA TRP D 66 -15.44 47.49 21.36
C TRP D 66 -14.20 46.62 21.42
N SER D 67 -13.70 46.39 22.64
CA SER D 67 -12.78 45.29 22.85
C SER D 67 -13.50 44.01 22.46
N SER D 68 -12.73 42.93 22.39
CA SER D 68 -13.27 41.61 22.17
C SER D 68 -14.24 41.29 23.31
N ASP D 69 -13.72 41.45 24.54
CA ASP D 69 -14.42 41.30 25.81
C ASP D 69 -15.80 41.94 25.79
N LYS D 70 -15.89 43.24 25.47
CA LYS D 70 -17.19 43.88 25.47
C LYS D 70 -18.12 43.12 24.54
N ALA D 71 -17.63 42.77 23.35
CA ALA D 71 -18.48 42.25 22.29
C ALA D 71 -18.98 40.85 22.66
N HIS D 72 -18.13 40.06 23.33
CA HIS D 72 -18.56 38.82 23.93
C HIS D 72 -19.76 39.09 24.85
N LYS D 73 -19.50 39.76 25.98
CA LYS D 73 -20.51 39.99 26.98
C LYS D 73 -21.80 40.46 26.33
N VAL D 74 -21.71 41.49 25.48
CA VAL D 74 -22.89 42.02 24.85
C VAL D 74 -23.71 40.91 24.17
N LEU D 75 -23.08 39.76 23.85
CA LEU D 75 -23.80 38.63 23.27
C LEU D 75 -24.37 37.73 24.36
N LYS D 76 -23.51 37.28 25.28
CA LYS D 76 -23.97 36.53 26.44
C LYS D 76 -25.25 37.17 26.99
N GLN D 77 -25.15 38.42 27.50
CA GLN D 77 -26.26 39.03 28.22
C GLN D 77 -27.28 39.71 27.29
N ALA D 78 -27.65 39.07 26.17
CA ALA D 78 -28.78 39.53 25.38
C ALA D 78 -29.92 38.51 25.50
N PHE D 79 -31.14 39.02 25.69
CA PHE D 79 -32.32 38.19 25.88
C PHE D 79 -32.42 37.19 24.73
N GLY D 80 -32.73 35.92 25.05
CA GLY D 80 -32.69 34.84 24.08
C GLY D 80 -33.52 35.14 22.84
N GLU D 81 -33.47 34.21 21.87
CA GLU D 81 -34.15 34.36 20.61
C GLU D 81 -33.44 35.45 19.80
N LYS D 82 -34.21 36.44 19.34
CA LYS D 82 -33.87 37.22 18.14
C LYS D 82 -32.71 38.18 18.37
N ILE D 83 -31.58 37.88 17.71
CA ILE D 83 -30.40 38.73 17.64
C ILE D 83 -30.18 39.17 16.19
N THR D 84 -30.46 40.44 15.87
CA THR D 84 -30.11 40.98 14.56
C THR D 84 -28.64 41.40 14.55
N MET D 85 -27.91 40.90 13.54
CA MET D 85 -26.53 41.29 13.29
C MET D 85 -26.42 41.86 11.88
N THR D 86 -26.07 43.14 11.78
CA THR D 86 -25.79 43.78 10.50
C THR D 86 -24.33 43.49 10.15
N ILE D 87 -24.06 42.95 8.94
CA ILE D 87 -22.78 42.30 8.62
C ILE D 87 -22.18 42.79 7.29
N ARG D 88 -20.84 42.87 7.28
CA ARG D 88 -20.09 43.13 6.05
C ARG D 88 -19.38 41.84 5.68
N ASP D 89 -19.55 41.44 4.41
CA ASP D 89 -19.04 40.17 3.92
C ASP D 89 -17.51 40.21 3.87
N ARG D 90 -16.91 39.29 4.62
CA ARG D 90 -15.49 38.97 4.61
C ARG D 90 -14.65 40.07 3.99
N PRO D 91 -14.45 41.19 4.73
CA PRO D 91 -13.84 42.38 4.16
C PRO D 91 -12.32 42.28 4.01
N PHE D 92 -11.67 41.39 4.75
CA PHE D 92 -10.22 41.29 4.75
C PHE D 92 -9.69 40.21 3.79
N GLU D 93 -10.53 39.75 2.85
CA GLU D 93 -10.28 38.52 2.12
C GLU D 93 -10.63 38.68 0.65
N ARG D 94 -9.95 37.89 -0.19
CA ARG D 94 -10.31 37.85 -1.62
C ARG D 94 -10.32 36.43 -2.18
N THR D 95 -11.01 36.25 -3.31
CA THR D 95 -11.16 34.93 -3.92
C THR D 95 -10.45 34.91 -5.28
N ILE D 96 -9.66 33.87 -5.54
CA ILE D 96 -9.06 33.74 -6.87
C ILE D 96 -9.53 32.45 -7.55
N THR D 97 -10.28 32.61 -8.65
CA THR D 97 -10.65 31.55 -9.60
C THR D 97 -9.49 31.16 -10.53
N MET D 98 -8.83 30.03 -10.21
CA MET D 98 -7.91 29.36 -11.14
C MET D 98 -8.58 28.14 -11.80
N HIS D 99 -8.17 27.83 -13.04
CA HIS D 99 -8.50 26.53 -13.64
C HIS D 99 -7.34 25.56 -13.43
N LYS D 100 -7.66 24.26 -13.41
CA LYS D 100 -6.67 23.21 -13.17
C LYS D 100 -5.94 22.94 -14.50
N ASP D 101 -4.66 22.55 -14.45
CA ASP D 101 -3.90 22.28 -15.66
C ASP D 101 -4.09 20.82 -16.07
N SER D 102 -3.16 20.30 -16.89
CA SER D 102 -3.25 18.95 -17.43
C SER D 102 -2.86 17.91 -16.37
N THR D 103 -2.13 18.32 -15.33
CA THR D 103 -1.82 17.45 -14.20
C THR D 103 -2.65 17.84 -12.98
N GLY D 104 -3.89 18.34 -13.18
CA GLY D 104 -4.81 18.69 -12.11
C GLY D 104 -4.39 19.88 -11.22
N HIS D 105 -3.42 20.69 -11.69
CA HIS D 105 -2.70 21.68 -10.89
C HIS D 105 -3.00 23.11 -11.31
N VAL D 106 -2.61 24.04 -10.42
CA VAL D 106 -2.92 25.46 -10.55
C VAL D 106 -1.66 26.29 -10.26
N GLY D 107 -0.70 25.74 -9.52
CA GLY D 107 0.67 26.22 -9.54
C GLY D 107 1.03 27.21 -8.42
N PHE D 108 1.31 26.68 -7.24
CA PHE D 108 1.84 27.46 -6.13
C PHE D 108 2.34 26.53 -5.03
N ILE D 109 3.33 26.99 -4.26
CA ILE D 109 3.91 26.25 -3.14
C ILE D 109 3.38 26.87 -1.85
N PHE D 110 2.45 26.15 -1.17
CA PHE D 110 1.73 26.68 -0.02
C PHE D 110 2.06 25.90 1.24
N LYS D 111 2.46 26.65 2.27
CA LYS D 111 2.88 26.10 3.55
C LYS D 111 2.14 26.82 4.71
N ASN D 112 1.83 26.07 5.78
CA ASN D 112 1.16 26.62 6.95
C ASN D 112 -0.08 27.40 6.50
N GLY D 113 -0.68 26.95 5.40
CA GLY D 113 -1.74 27.68 4.74
C GLY D 113 -1.32 29.00 4.07
N LYS D 114 -0.05 29.42 4.27
CA LYS D 114 0.48 30.64 3.68
C LYS D 114 1.12 30.38 2.31
N ILE D 115 0.58 30.98 1.23
CA ILE D 115 1.18 30.87 -0.10
C ILE D 115 2.57 31.49 -0.10
N THR D 116 3.54 30.83 -0.76
CA THR D 116 4.95 31.13 -0.56
C THR D 116 5.75 31.23 -1.87
N SER D 117 5.36 30.52 -2.93
CA SER D 117 5.93 30.81 -4.24
C SER D 117 4.91 30.50 -5.31
N ILE D 118 5.00 31.24 -6.42
CA ILE D 118 4.08 31.12 -7.53
C ILE D 118 4.82 30.51 -8.71
N VAL D 119 4.17 29.55 -9.37
CA VAL D 119 4.80 28.80 -10.45
C VAL D 119 4.65 29.59 -11.74
N LYS D 120 5.72 29.54 -12.56
CA LYS D 120 5.78 30.25 -13.82
C LYS D 120 4.78 29.68 -14.81
N ASP D 121 4.06 30.60 -15.46
CA ASP D 121 3.03 30.29 -16.44
C ASP D 121 2.02 29.30 -15.85
N SER D 122 1.97 29.22 -14.52
CA SER D 122 0.90 28.50 -13.85
C SER D 122 -0.42 29.26 -13.99
N SER D 123 -1.51 28.60 -13.59
CA SER D 123 -2.81 29.25 -13.55
C SER D 123 -2.86 30.31 -12.46
N ALA D 124 -2.11 30.07 -11.38
CA ALA D 124 -1.93 31.02 -10.30
C ALA D 124 -1.25 32.30 -10.83
N ALA D 125 -0.08 32.13 -11.46
CA ALA D 125 0.63 33.21 -12.14
C ALA D 125 -0.34 34.03 -13.00
N ARG D 126 -1.08 33.38 -13.89
CA ARG D 126 -2.01 34.06 -14.79
C ARG D 126 -3.09 34.88 -14.07
N ASN D 127 -3.60 34.44 -12.92
CA ASN D 127 -4.69 35.15 -12.25
C ASN D 127 -4.15 35.99 -11.09
N GLY D 128 -2.84 36.00 -10.92
CA GLY D 128 -2.20 36.96 -10.04
C GLY D 128 -2.42 36.62 -8.58
N LEU D 129 -2.12 35.37 -8.23
CA LEU D 129 -2.10 34.95 -6.86
C LEU D 129 -0.89 35.58 -6.22
N LEU D 130 -0.98 35.92 -4.94
CA LEU D 130 0.08 36.60 -4.22
C LEU D 130 0.68 35.66 -3.19
N THR D 131 1.94 35.91 -2.82
CA THR D 131 2.53 35.25 -1.68
C THR D 131 2.33 36.11 -0.43
N GLU D 132 2.75 35.56 0.71
CA GLU D 132 2.49 36.18 2.01
C GLU D 132 0.99 36.44 2.17
N HIS D 133 0.14 35.54 1.64
CA HIS D 133 -1.28 35.53 1.89
C HIS D 133 -1.68 34.14 2.39
N ASN D 134 -2.87 34.04 2.98
CA ASN D 134 -3.34 32.84 3.63
C ASN D 134 -4.60 32.32 2.98
N ILE D 135 -4.72 30.99 3.02
CA ILE D 135 -5.86 30.29 2.46
C ILE D 135 -6.97 30.32 3.51
N CYS D 136 -8.15 30.73 3.09
CA CYS D 136 -9.27 30.83 4.01
C CYS D 136 -10.48 30.03 3.51
N GLU D 137 -10.71 29.91 2.19
CA GLU D 137 -11.86 29.13 1.74
C GLU D 137 -11.58 28.55 0.36
N ILE D 138 -12.12 27.35 0.11
CA ILE D 138 -12.00 26.68 -1.17
C ILE D 138 -13.41 26.42 -1.66
N ASN D 139 -13.73 27.06 -2.81
CA ASN D 139 -15.03 27.01 -3.47
C ASN D 139 -16.18 27.37 -2.50
N GLY D 140 -16.01 28.46 -1.74
CA GLY D 140 -16.95 28.85 -0.69
C GLY D 140 -16.69 28.20 0.68
N GLN D 141 -15.81 27.16 0.74
CA GLN D 141 -15.72 26.32 1.94
C GLN D 141 -14.50 26.64 2.81
N ASN D 142 -14.78 27.10 4.05
CA ASN D 142 -13.79 27.40 5.09
C ASN D 142 -12.87 26.21 5.32
N VAL D 143 -11.58 26.50 5.42
CA VAL D 143 -10.55 25.48 5.52
C VAL D 143 -9.50 25.92 6.53
N ILE D 144 -9.90 26.87 7.37
CA ILE D 144 -8.97 27.54 8.26
C ILE D 144 -8.78 26.67 9.50
N GLY D 145 -7.52 26.29 9.74
CA GLY D 145 -7.17 25.49 10.91
C GLY D 145 -6.74 24.08 10.53
N LEU D 146 -7.04 23.61 9.31
CA LEU D 146 -6.79 22.22 8.92
C LEU D 146 -5.28 21.98 8.74
N LYS D 147 -4.97 20.97 7.91
CA LYS D 147 -3.63 20.68 7.45
C LYS D 147 -3.53 21.06 5.96
N ASP D 148 -2.31 21.22 5.44
CA ASP D 148 -2.10 21.55 4.03
C ASP D 148 -2.62 20.40 3.18
N SER D 149 -2.61 19.23 3.82
CA SER D 149 -2.85 17.96 3.15
C SER D 149 -4.33 17.88 2.86
N GLN D 150 -5.10 18.26 3.88
CA GLN D 150 -6.55 18.38 3.80
C GLN D 150 -6.90 19.46 2.77
N ILE D 151 -6.09 20.52 2.75
CA ILE D 151 -6.27 21.60 1.79
C ILE D 151 -5.87 21.10 0.41
N ALA D 152 -4.65 20.56 0.25
CA ALA D 152 -4.31 19.85 -0.98
C ALA D 152 -5.55 19.06 -1.41
N ASP D 153 -6.12 18.27 -0.50
CA ASP D 153 -7.14 17.31 -0.88
C ASP D 153 -8.45 18.00 -1.26
N ILE D 154 -8.80 19.11 -0.58
CA ILE D 154 -9.98 19.88 -0.93
C ILE D 154 -9.79 20.54 -2.32
N LEU D 155 -8.53 20.86 -2.68
CA LEU D 155 -8.22 21.39 -4.00
C LEU D 155 -8.45 20.27 -5.02
N SER D 156 -7.90 19.06 -4.71
CA SER D 156 -8.07 17.89 -5.55
C SER D 156 -9.54 17.79 -5.97
N THR D 157 -10.40 17.72 -4.97
CA THR D 157 -11.82 17.37 -5.16
C THR D 157 -12.62 18.53 -5.76
N SER D 158 -11.98 19.67 -6.02
CA SER D 158 -12.64 20.75 -6.75
C SER D 158 -12.83 20.32 -8.21
N GLY D 159 -13.91 20.82 -8.83
CA GLY D 159 -14.02 20.87 -10.28
C GLY D 159 -12.76 21.48 -10.93
N THR D 160 -12.64 21.33 -12.25
CA THR D 160 -11.61 22.04 -13.00
C THR D 160 -11.50 23.48 -12.46
N VAL D 161 -12.66 24.12 -12.31
CA VAL D 161 -12.74 25.51 -11.89
C VAL D 161 -12.57 25.52 -10.37
N VAL D 162 -11.45 26.07 -9.89
CA VAL D 162 -11.10 26.19 -8.47
C VAL D 162 -11.09 27.67 -8.03
N THR D 163 -12.08 28.08 -7.22
CA THR D 163 -11.99 29.33 -6.51
C THR D 163 -11.30 29.07 -5.18
N ILE D 164 -10.30 29.88 -4.82
CA ILE D 164 -9.77 29.87 -3.46
C ILE D 164 -9.79 31.30 -2.92
N THR D 165 -9.56 31.41 -1.61
CA THR D 165 -9.93 32.61 -0.85
C THR D 165 -8.77 32.96 0.07
N ILE D 166 -8.32 34.23 0.00
CA ILE D 166 -7.04 34.60 0.60
C ILE D 166 -7.15 35.83 1.51
N MET D 167 -6.22 35.87 2.48
CA MET D 167 -6.06 36.98 3.40
C MET D 167 -4.57 37.30 3.56
N PRO D 168 -4.14 38.59 3.44
CA PRO D 168 -2.75 38.98 3.73
C PRO D 168 -2.19 38.51 5.08
N ALA D 169 -0.97 37.99 5.10
CA ALA D 169 -0.48 37.29 6.27
C ALA D 169 -0.68 38.12 7.55
N PHE D 170 -0.05 39.31 7.60
N PHE D 170 -0.09 39.32 7.59
CA PHE D 170 -0.02 40.19 8.77
CA PHE D 170 -0.02 40.10 8.82
C PHE D 170 -1.41 40.31 9.37
C PHE D 170 -1.42 40.36 9.38
N ILE D 171 -2.44 40.41 8.54
CA ILE D 171 -3.81 40.48 9.03
C ILE D 171 -4.25 39.10 9.52
N PHE D 172 -4.11 38.04 8.69
CA PHE D 172 -4.53 36.72 9.12
C PHE D 172 -3.98 36.48 10.51
N GLU D 173 -2.65 36.58 10.62
CA GLU D 173 -1.95 36.47 11.90
C GLU D 173 -2.69 37.26 12.96
N HIS D 174 -2.96 38.55 12.67
CA HIS D 174 -3.60 39.40 13.66
C HIS D 174 -4.90 38.77 14.13
N ILE D 175 -5.75 38.30 13.18
CA ILE D 175 -7.14 37.94 13.39
C ILE D 175 -7.24 36.69 14.26
N ILE D 176 -6.25 35.80 14.14
CA ILE D 176 -6.33 34.53 14.81
C ILE D 176 -5.65 34.62 16.18
N LYS D 177 -5.01 35.75 16.50
CA LYS D 177 -4.31 35.84 17.79
C LYS D 177 -5.30 35.73 18.95
N ARG D 178 -4.87 35.13 20.07
CA ARG D 178 -5.75 34.81 21.19
C ARG D 178 -6.86 33.85 20.72
N MET D 179 -6.48 32.70 20.14
CA MET D 179 -7.43 31.63 19.80
C MET D 179 -6.65 30.33 19.73
N ALA D 180 -7.06 29.36 20.56
CA ALA D 180 -6.29 28.17 20.89
C ALA D 180 -6.18 27.25 19.69
N PRO D 181 -4.94 26.95 19.21
CA PRO D 181 -4.76 26.04 18.10
C PRO D 181 -5.95 25.07 18.07
N SER D 182 -6.20 24.50 19.26
CA SER D 182 -7.05 23.35 19.51
C SER D 182 -8.52 23.63 19.21
N ILE D 183 -8.93 24.89 19.38
CA ILE D 183 -10.33 25.29 19.24
C ILE D 183 -10.64 25.57 17.76
N MET D 184 -9.84 26.46 17.17
CA MET D 184 -9.77 26.71 15.73
C MET D 184 -9.96 25.37 15.01
N LYS D 185 -9.17 24.38 15.43
CA LYS D 185 -9.15 23.01 14.92
C LYS D 185 -10.42 22.22 15.25
N SER D 186 -11.04 22.49 16.42
CA SER D 186 -12.16 21.65 16.86
C SER D 186 -13.53 22.24 16.48
N LEU D 187 -13.70 23.57 16.57
CA LEU D 187 -15.03 24.14 16.60
C LEU D 187 -15.45 24.64 15.22
N MET D 188 -14.45 24.79 14.33
CA MET D 188 -14.52 25.67 13.16
C MET D 188 -15.26 25.00 12.01
N ASP D 189 -16.40 25.61 11.66
CA ASP D 189 -17.25 25.27 10.52
C ASP D 189 -16.46 25.02 9.23
N HIS D 190 -16.57 23.79 8.70
CA HIS D 190 -15.97 23.38 7.43
C HIS D 190 -17.03 22.75 6.53
N THR D 191 -18.31 22.98 6.85
CA THR D 191 -19.41 22.33 6.14
C THR D 191 -19.56 22.93 4.74
N ILE D 192 -20.05 22.11 3.80
CA ILE D 192 -20.45 22.63 2.50
C ILE D 192 -21.91 22.27 2.23
N PRO D 193 -22.61 23.02 1.35
CA PRO D 193 -24.04 22.83 1.14
C PRO D 193 -24.36 21.41 0.65
N GLU D 194 -23.48 20.85 -0.19
CA GLU D 194 -23.73 19.56 -0.80
C GLU D 194 -22.41 19.03 -1.32
N VAL D 195 -22.43 17.79 -1.82
CA VAL D 195 -21.26 17.18 -2.41
C VAL D 195 -21.66 16.55 -3.75
#